data_9N5I
#
_entry.id   9N5I
#
_cell.length_a   1.00
_cell.length_b   1.00
_cell.length_c   1.00
_cell.angle_alpha   90.00
_cell.angle_beta   90.00
_cell.angle_gamma   90.00
#
_symmetry.space_group_name_H-M   'P 1'
#
loop_
_entity.id
_entity.type
_entity.pdbx_description
1 polymer 'Gametocyte surface protein P230'
2 polymer 'Gametocyte surface protein P45/48'
3 polymer 'RUPA-44 Fab kappa chain'
4 polymer 'RUPA-44 Fab heavy chain'
5 polymer 'RUPA-71 Fab heavy chain'
6 polymer 'RUPA-71 Fab kappa chain'
7 branched alpha-L-fucopyranose-(1-6)-2-acetamido-2-deoxy-beta-D-glucopyranose
#
loop_
_entity_poly.entity_id
_entity_poly.type
_entity_poly.pdbx_seq_one_letter_code
_entity_poly.pdbx_strand_id
1 'polypeptide(L)'
;MKKIITLKNLFLIILVYIFSEKKDLRCNVIKGNNIKDDEDKRFHLFYYSHNLFKTPETKEKKNKKECFYKNGGIYNLSKE
IRMRKDTSVKIKQRTCPFHKEGSSFEMGSKNITCFYPIVGKKERKTLDTIIIKKNVTNDHVVSSDMHSNVQEKNMILIRN
IDKENKNDIQNVEEKIQRDTYENKDYESDDTLIEWFDDNTNEENFLLTFLKRCLMKIFSSPKRKKTVVQKKHKSNFFINS
SLKYIYMYLTPSDSFNLVRRNRNLDEEDMSPRDNFVIDDEEEEEEEEEEEEEEEEEEEEEEEEEYDDYVYEESGDETEEQ
LQEEHQEEVGAESSEESFNDEDEDSVEARDGDMIRVDEYYEDQDGDTYDSTIKNEDVDEEVGEEVGEEVGEEVGEEVGEE
VGEEVGEEVGEEVGEEEGEEVGEGVGEEVGEEEGEEVGEEEGEYVDEKERQGEIYPFGDEEEKDEGGESFTYEKSEVDKT
DLFKFIEGGEGDDVYKVDGSKVLLDDDTISRVSKKHTARDGEYGEYGEAVEDGENVIKIIRSVLQSGALPSVGVDELDKI
DLSYETTESGDTAVSEDSYDKYASNNTNKEYVCDFTDQLKPTESGPKVKKCEVKVNEPLIKVKIICPLKGSVEKLYDNIE
YVPKKSPYVVLTKEETKLKEKLLSKLIYGLLISPTVNEKENNFKEGVIEFTLPPVVHKATVFYFICDNSKTEDDNKKGNR
GIVEVYVEPYGNKINGCAFLDEDEEEEKYGNQIEEDEHNEKIKMKTFFTQNIYKKNNIYPCYMKLYSGDIGGILFPKNIK
STTCFEEMIPYNKEIKWNKENKSLGNLVNNSVVYNKEMNAKYFNVQYVHIPTSYKDTLNLFCSIILKEEESNLISTSYLV
YVSINEELNFSLFDFYESFVPIKKTIQVAQKNVNNKEHDYTCDFTDKLDKTVPSTANGKKLFICRKHLKEFDTFTLKCNV
NKTQYPNIEIFPKTLKDKKEVLKLDLDIQYQMFSKFFKFNTQNAKYLNLYPYYLIFPFNHIGKKELKNNPTYKNHKDVKY
FEQSSVLSPLSSADSLGKLLNFLDTQETVCLTEKIRYLNLSINELGSDNNTFSVTFQVPPYIDIKEPFYFMFGCNNNKGE
GNIGIVELLISKQEEKIKGCNFHESKLDYFNENISSDTHECTLHAYENDIIGFNCLETTHPNEVEVEVEDAEIYLQPENC
FNNVYKGLNSVDITTILKNAQTYNINNKKTPTFLKIPPYNLLEDVEISCQCTIKQVVKKIKVIITKNDTVLLKREVQSES
TLDDKIYKCEHENFINPRVNKTFDENVEYTCNIKIENFFNYIQIFCPAKDLGIYKNIQMYYDIVKPTRVPQFKKFNNEEL
HKLIPNSEMLHKTKEMLILYNEEKVDLLHFYVFLPIYIKDIYEFNIVCDNSKTMWKNQLGGKVIYHITVSKREQKVKGCS
FDNEHAHMFSYNKTNVKNCIIDAKPKDLIGFVCPSGTLKLTNCFKDAIVHTNLTNINGILYLKNNLANFTYKHQFNYMEI
PALMDNDISFKCICVDLKKKKYNVKSPLGPKVLRALYKKLNIKFDNYVTGTDQNKYLMTYMDLHLSHKRNYLKELFHDLG
KKKPADTDANPESIIESLSINESNESGPFPTGDVDAEHLILEGYDTWESLYDEQLEEVIYNDIESLELKDIEQYVLQVNL
KAPKLMMSAQIHNNRHVCDFSKNNLIVPESLKKKEELGGNPVNIHCYALLKPLDTLYVKCPTSKDNYEAAKVNISENDNE
YELQVISLIEKRFHNFETLESKKPGNGDVVVHNGVVDTGPVLDNSTFEKYFKNIKIKPDKFFEKVINEYDDTEEEKDLES
ILPGAIVSPMKVLKKKDPFTSYAAFVVPPIVPKDLHFKVECNNTEYKDENQYISGYNGIIHIDISNSNRKINGCDFSTNN
SSILTSSVKLVNGETKNCEININNNEVFGIICDNETNLDPEKCFHEIYSKDNKTVKKFREVIPNIDIFSLHNSNKKKVAY
AKVPLDYINKLLFSCSCKTSHTNTIGTMKVTLNKDEKEEEDFKTAQGIKHNNVHLCNFFDNPELTFDNNKIVLCKIDAEL
FSEVIIQLPIFGTKNVEEGVQNEEYKKFSLKPSLVFDDNNNDIKVIGKEKNEVSISLALKGVYGNRIFTFDKNGKKGEGI
SFFIPPIKQDTDLKFIINETIDNSNIKQRGLIYIFVRKNVSENSFKLCDFTTGSTSLMELNSQVKEKKCTVKIKKGDIFG
LKCPKGFAIFPQACFSNVLLEYYKSDYEDSEHINYYIHKDKKYNLKPKDVIELMDENFRELQNIQQYTGISNITDVLHFK
NFNLGNLPLNFKNHYSTAYAKVPDTFNSIINFSCNCYNPEKHVYGTMQVESDNRNFDNIKKNENVIKNFLLPNIEKYALL
LDDEERQKKIKQQQEEEQQEQILKDQDDRLSRHDDYNKNHTYILYDSNEHICDYEKNESLISTLPNDTKKIQKSICKINA
KALDVVTIKCPHTKNFTPKDYFPNSSLITNDKKIVITFDKKNFVTYIDPTKKTFSLKDIYIQSFYGVSLDHLNQIKKIHE
EWDDVHLFYPPHNVLHNVVLNNHIVNLSSALEGVLFMKSKVTGDETATKKNTTLPTDGVSSILIPPYVKEDITFHLFCGK
STTKKPNKKNTSLALIHIHISSNRNIIHGCDFLYLENQTNDAISNNNNNSYSIFTHNKNTENNLICDISLIPKTVIGIKC
PNKKLNPQTCFDEVYYVKQEDVPSKTITADKYNTFSKDKIGNILKNAISINNPDEKDNTYTYLILPEKFEEELIDTKKVL
ACTCDNKYIIHMKIEKSTMDKIKIDEKKTIGKDICKYDVTTKVATCEIIDTIDSSVLKEHHTVHYSITLSRWDKLIIKYP
TNEKTHFENFFVNPFNLKDKVLYNYNKPINIEHILPGAITTDIYDTRTKIKQYILRIPPYVHKDIHFSLEFNNSLSLTKQ
NQNIIYGNVAKIFIHINQGYKEIHGCDFTGKYSHLFTYSKKPLPNDDDICNVTIGNNTFSGFACLSHFELKPNNCFSSVY
DYNEANKVKKLFDLSTKVELDHIKQNTSGYTLSYIIFNKESTKLKFSCTCSSNYSNYTIRITFDPNYIIPEPQSRAIIKY
VDLQDKNFAKYLRKL
;
A
2 'polypeptide(L)'
;MMLYISAKKAQVAFILYIVLVLRIISGNNDFCKPSSLNSEISGFIGYKCNFSNEGVHNLKPDMRERRSIFCTIHSYFIYD
KIRLIIPKKSSSPEFKILPEKCFQKVYTDYENRVETDISELGLIEYEIEENDTNPNYNERTITISPFSPKDIEFFCFCDN
TEKVISSIEGRSAMVHVRVLKYPHNILFTNLTNDLFTYLPKTYNESNFVSNVLEVELNDGELFVLACELINKKCFQEGKE
KALYKSNKIIYHKNLTIFKAPFYVTSKDVNTECTCKFKNNNYKIVLKPKYEKKVIHGCNFSSNVSSKHTFTDSLDISLVD
DSAHISCNVHLSEPKYNHLVGLNCPGDIIPDCFFQVYQPESEELEPSNIVYLDSQINIGDIEYYEDAEGDDKIKLFGIVG
SIPKTTSFTCICKKDKKSAYMTVTIDSAYYGFLAKTFIFLIVAILLYI
;
D
3 'polypeptide(L)'
;DIQMTQSPATLSASVGDRVTITCRASQSISSWLAWYQQKPGEAPKLLIYKASSLQSGVPSRFSGSGSGTKFSLTISSLQP
DDFATFYCQQYHSYPYTFGQGTKLEIKRTVAAPSVFIFPPSDEQLKSGTASVVCLLNNFYPREAKVQWKVDNALQSGNSQ
ESVTEQDSKDSTYSLSSTLTLSKADYEKHKVYACEVTHQGLSSPVTKSFNRGEC
;
E
4 'polypeptide(L)'
;QLQLQESGPGLVKPSETLSLTCTVSGGSISRSPYYWGWIRQPPGKGLEWFGSIYNNGSTYYNPPLKSRLTISVDTSKNQF
SLKLSSVTAADTAVYYCARHGGSTGMKVVVIAPPDYWGQGTLVTVSSASTKGPSVFPLAPSSKSTSGGTAALGCLVKDYF
PEPVTVSWNSGALTSGVHTFPAVLQSSGLYSLSSVVTVPSSSLGTQTYICNVNHKPSNTKVDKKVEPKSC
;
F
5 'polypeptide(L)'
;EEQLVESGGGLVKPGRSLRLSCSASGFTLGDYAVTWFRQASGKEPEWVGVIRTKDEGGTTEYAASVKGRFSILRDDSKSI
AHLQMNSLKIEDTAVYYCTRNGLRWYDSSGPRGWAFDIWGPGTLVVVSSASTKGPSVFPLAPSSKSTSGGTAALGCLVKD
YFPEPVTVSWNSGALTSGVHTFPAVLQSSGLYSLSSVVTVPSSSLGTQTYICNVNHKPSNTKVDKKVEPKSC
;
H
6 'polypeptide(L)'
;EIVMTQSPATVSVSPGERATLSCRTSQSVSNKLAWYQQKPGQAPRLLIYGASTRATGIPARFSGSGSGTQFTLTISSLQS
EDFAVYYCQQYNNWPPWTFGRGTKVEIKRTVAAPSVFIFPPSDEQLKSGTASVVCLLNNFYPREAKVQWKVDNALQSGNS
QESVTEQDSKDSTYSLSSTLTLSKADYEKHKVYACEVTHQGLSSPVTKSFNRGEC
;
L
#
loop_
_chem_comp.id
_chem_comp.type
_chem_comp.name
_chem_comp.formula
FUC L-saccharide, alpha linking alpha-L-fucopyranose 'C6 H12 O5'
NAG D-saccharide, beta linking 2-acetamido-2-deoxy-beta-D-glucopyranose 'C8 H15 N O6'
#
# COMPACT_ATOMS: atom_id res chain seq x y z
N CYS A 2835 -8.51 -0.41 25.50
CA CYS A 2835 -7.40 -0.04 24.62
C CYS A 2835 -7.67 1.28 23.91
N LYS A 2836 -6.63 2.10 23.78
CA LYS A 2836 -6.72 3.38 23.12
C LYS A 2836 -5.69 3.43 22.00
N TYR A 2837 -6.12 3.94 20.85
CA TYR A 2837 -5.27 4.04 19.67
C TYR A 2837 -4.89 5.49 19.44
N ASP A 2838 -3.62 5.73 19.16
CA ASP A 2838 -3.11 7.05 18.81
C ASP A 2838 -2.49 6.96 17.43
N VAL A 2839 -3.04 7.72 16.47
CA VAL A 2839 -2.55 7.67 15.10
C VAL A 2839 -1.35 8.59 14.87
N THR A 2840 -1.14 9.59 15.72
CA THR A 2840 0.02 10.45 15.58
C THR A 2840 1.31 9.69 15.84
N THR A 2841 1.34 8.91 16.93
CA THR A 2841 2.47 8.04 17.23
C THR A 2841 2.23 6.60 16.80
N LYS A 2842 1.03 6.27 16.31
CA LYS A 2842 0.69 4.94 15.82
C LYS A 2842 0.96 3.89 16.90
N VAL A 2843 0.31 4.07 18.05
CA VAL A 2843 0.49 3.20 19.21
C VAL A 2843 -0.88 2.80 19.74
N ALA A 2844 -1.08 1.50 19.95
CA ALA A 2844 -2.29 0.96 20.53
C ALA A 2844 -1.97 0.44 21.93
N THR A 2845 -2.50 1.12 22.95
CA THR A 2845 -2.23 0.78 24.34
C THR A 2845 -3.38 -0.01 24.93
N CYS A 2846 -3.05 -1.06 25.67
CA CYS A 2846 -4.05 -1.93 26.30
C CYS A 2846 -3.67 -2.13 27.76
N GLU A 2847 -4.32 -1.38 28.65
CA GLU A 2847 -4.04 -1.47 30.08
C GLU A 2847 -5.04 -2.43 30.73
N ILE A 2848 -4.52 -3.37 31.50
CA ILE A 2848 -5.35 -4.39 32.14
C ILE A 2848 -5.02 -4.50 33.61
N ILE A 2849 -4.27 -3.54 34.14
CA ILE A 2849 -3.89 -3.58 35.55
C ILE A 2849 -5.13 -3.40 36.44
N ASP A 2850 -6.05 -2.53 36.03
CA ASP A 2850 -7.25 -2.26 36.79
C ASP A 2850 -8.46 -3.05 36.29
N THR A 2851 -8.28 -3.92 35.29
CA THR A 2851 -9.39 -4.67 34.73
C THR A 2851 -9.59 -6.02 35.43
N ILE A 2852 -8.51 -6.75 35.65
CA ILE A 2852 -8.58 -8.04 36.32
C ILE A 2852 -8.14 -7.96 37.78
N ASP A 2853 -8.20 -6.77 38.37
CA ASP A 2853 -7.81 -6.60 39.77
C ASP A 2853 -8.73 -7.41 40.68
N SER A 2854 -8.14 -8.17 41.59
CA SER A 2854 -8.89 -9.03 42.49
C SER A 2854 -9.30 -8.33 43.78
N SER A 2855 -8.82 -7.11 44.01
CA SER A 2855 -9.17 -6.37 45.23
C SER A 2855 -10.50 -5.63 45.11
N VAL A 2856 -11.11 -5.61 43.92
CA VAL A 2856 -12.37 -4.90 43.69
C VAL A 2856 -13.31 -5.81 42.93
N LEU A 2857 -14.53 -5.34 42.74
CA LEU A 2857 -15.58 -6.06 42.02
C LEU A 2857 -15.82 -5.37 40.68
N LYS A 2858 -15.92 -6.17 39.62
CA LYS A 2858 -16.12 -5.66 38.27
C LYS A 2858 -17.48 -6.08 37.74
N GLU A 2859 -18.07 -5.23 36.90
CA GLU A 2859 -19.41 -5.47 36.37
C GLU A 2859 -19.43 -6.45 35.20
N HIS A 2860 -18.26 -6.79 34.65
CA HIS A 2860 -18.18 -7.70 33.51
C HIS A 2860 -17.25 -8.85 33.84
N HIS A 2861 -17.67 -10.06 33.47
CA HIS A 2861 -16.85 -11.24 33.72
C HIS A 2861 -15.56 -11.20 32.92
N THR A 2862 -15.65 -10.83 31.65
CA THR A 2862 -14.49 -10.78 30.77
C THR A 2862 -14.67 -9.64 29.78
N VAL A 2863 -13.55 -9.09 29.32
CA VAL A 2863 -13.52 -8.04 28.31
C VAL A 2863 -13.11 -8.66 26.98
N HIS A 2864 -14.01 -8.57 26.00
CA HIS A 2864 -13.76 -9.11 24.65
C HIS A 2864 -13.49 -7.92 23.74
N TYR A 2865 -12.23 -7.49 23.69
CA TYR A 2865 -11.82 -6.35 22.88
C TYR A 2865 -10.93 -6.83 21.75
N SER A 2866 -11.34 -6.56 20.52
CA SER A 2866 -10.57 -6.89 19.33
C SER A 2866 -10.12 -5.59 18.68
N ILE A 2867 -8.81 -5.43 18.51
CA ILE A 2867 -8.24 -4.24 17.90
C ILE A 2867 -7.56 -4.64 16.60
N THR A 2868 -7.93 -3.98 15.51
CA THR A 2868 -7.40 -4.27 14.19
C THR A 2868 -6.19 -3.38 13.94
N LEU A 2869 -5.01 -3.98 14.01
CA LEU A 2869 -3.77 -3.26 13.77
C LEU A 2869 -3.48 -3.19 12.27
N SER A 2870 -2.40 -2.50 11.93
CA SER A 2870 -1.91 -2.39 10.57
C SER A 2870 -0.40 -2.64 10.57
N ARG A 2871 0.23 -2.37 9.43
CA ARG A 2871 1.68 -2.49 9.36
C ARG A 2871 2.34 -1.43 10.23
N TRP A 2872 3.47 -1.80 10.84
CA TRP A 2872 4.28 -0.88 11.65
C TRP A 2872 3.44 -0.26 12.77
N ASP A 2873 2.67 -1.09 13.46
CA ASP A 2873 1.73 -0.65 14.49
C ASP A 2873 2.21 -1.14 15.84
N LYS A 2874 2.78 -0.25 16.64
CA LYS A 2874 3.21 -0.60 17.98
C LYS A 2874 2.01 -0.92 18.86
N LEU A 2875 2.14 -1.98 19.66
CA LEU A 2875 1.10 -2.37 20.60
C LEU A 2875 1.73 -2.56 21.97
N ILE A 2876 1.25 -1.81 22.96
CA ILE A 2876 1.84 -1.77 24.29
C ILE A 2876 0.80 -2.25 25.30
N ILE A 2877 1.19 -3.23 26.11
CA ILE A 2877 0.33 -3.74 27.17
C ILE A 2877 1.11 -3.73 28.48
N LYS A 2878 0.56 -3.06 29.48
CA LYS A 2878 1.15 -3.07 30.82
C LYS A 2878 0.32 -4.00 31.70
N TYR A 2879 0.97 -4.97 32.32
CA TYR A 2879 0.28 -5.97 33.12
C TYR A 2879 1.03 -6.17 34.43
N PRO A 2880 0.34 -6.68 35.46
CA PRO A 2880 1.00 -6.88 36.76
C PRO A 2880 2.03 -7.99 36.69
N THR A 2881 2.67 -8.22 37.83
CA THR A 2881 3.70 -9.23 37.97
C THR A 2881 3.23 -10.33 38.91
N ASN A 2882 4.09 -11.32 39.14
CA ASN A 2882 3.78 -12.44 40.02
C ASN A 2882 3.98 -12.10 41.50
N GLU A 2883 4.59 -10.96 41.80
CA GLU A 2883 4.85 -10.55 43.19
C GLU A 2883 4.32 -9.13 43.37
N LYS A 2884 3.04 -9.02 43.70
CA LYS A 2884 2.40 -7.73 43.97
C LYS A 2884 1.13 -8.00 44.77
N THR A 2885 0.50 -6.91 45.22
CA THR A 2885 -0.60 -7.00 46.16
C THR A 2885 -1.86 -7.58 45.49
N HIS A 2886 -2.42 -8.61 46.10
CA HIS A 2886 -3.60 -9.33 45.57
C HIS A 2886 -3.40 -9.72 44.11
N PHE A 2887 -2.24 -10.29 43.80
CA PHE A 2887 -1.95 -10.75 42.45
C PHE A 2887 -1.17 -12.05 42.43
N GLU A 2888 -1.39 -12.92 43.41
CA GLU A 2888 -0.70 -14.21 43.48
C GLU A 2888 -1.07 -15.11 42.32
N ASN A 2889 -2.38 -15.30 42.09
CA ASN A 2889 -2.86 -16.19 41.03
C ASN A 2889 -3.08 -15.38 39.76
N PHE A 2890 -1.98 -15.09 39.06
CA PHE A 2890 -2.00 -14.37 37.80
C PHE A 2890 -1.13 -15.16 36.82
N PHE A 2891 -1.74 -15.74 35.79
CA PHE A 2891 -0.99 -16.49 34.79
C PHE A 2891 -1.43 -16.06 33.40
N VAL A 2892 -0.52 -16.19 32.44
CA VAL A 2892 -0.70 -15.63 31.10
C VAL A 2892 -0.74 -16.75 30.08
N ASN A 2893 -1.64 -16.63 29.12
CA ASN A 2893 -1.69 -17.53 27.96
C ASN A 2893 -1.32 -16.75 26.72
N PRO A 2894 -0.17 -17.01 26.09
CA PRO A 2894 0.81 -18.07 26.38
C PRO A 2894 1.66 -17.81 27.61
N PHE A 2895 2.36 -18.84 28.09
CA PHE A 2895 3.16 -18.72 29.30
C PHE A 2895 4.29 -17.69 29.11
N ASN A 2896 4.93 -17.71 27.95
CA ASN A 2896 6.00 -16.78 27.63
C ASN A 2896 5.49 -15.74 26.63
N LEU A 2897 5.73 -14.46 26.94
CA LEU A 2897 5.27 -13.36 26.11
C LEU A 2897 6.33 -12.87 25.13
N LYS A 2898 7.49 -13.54 25.06
CA LYS A 2898 8.55 -13.11 24.17
C LYS A 2898 8.43 -13.76 22.80
N ASP A 2899 8.39 -15.10 22.76
CA ASP A 2899 8.52 -15.82 21.51
C ASP A 2899 7.21 -16.48 21.06
N LYS A 2900 6.24 -16.67 21.94
CA LYS A 2900 5.03 -17.40 21.60
C LYS A 2900 3.81 -16.49 21.69
N VAL A 2901 2.86 -16.70 20.79
CA VAL A 2901 1.59 -16.00 20.75
C VAL A 2901 0.51 -17.00 20.38
N LEU A 2902 -0.63 -16.91 21.05
CA LEU A 2902 -1.72 -17.85 20.81
C LEU A 2902 -2.35 -17.55 19.45
N TYR A 2903 -2.34 -18.53 18.56
CA TYR A 2903 -2.85 -18.37 17.21
C TYR A 2903 -4.25 -18.93 17.00
N ASN A 2904 -4.44 -20.24 17.22
CA ASN A 2904 -5.72 -20.89 17.03
C ASN A 2904 -6.07 -21.67 18.28
N TYR A 2905 -7.35 -21.62 18.67
CA TYR A 2905 -7.82 -22.29 19.88
C TYR A 2905 -6.93 -21.96 21.07
N ASN A 2906 -6.26 -22.96 21.62
CA ASN A 2906 -5.33 -22.75 22.72
C ASN A 2906 -3.93 -23.31 22.44
N LYS A 2907 -3.44 -23.15 21.21
CA LYS A 2907 -2.08 -23.60 20.92
C LYS A 2907 -1.18 -22.42 20.59
N PRO A 2908 -0.31 -22.01 21.53
CA PRO A 2908 0.64 -20.94 21.24
C PRO A 2908 1.65 -21.30 20.15
N ILE A 2909 1.64 -20.55 19.05
CA ILE A 2909 2.63 -20.72 18.00
C ILE A 2909 3.57 -19.53 18.03
N ASN A 2910 4.81 -19.74 17.57
CA ASN A 2910 5.80 -18.68 17.61
C ASN A 2910 5.32 -17.47 16.81
N ILE A 2911 5.53 -16.27 17.38
CA ILE A 2911 5.07 -15.05 16.73
C ILE A 2911 5.80 -14.85 15.41
N GLU A 2912 7.09 -15.19 15.37
CA GLU A 2912 7.84 -15.10 14.12
C GLU A 2912 7.30 -16.06 13.07
N HIS A 2913 6.88 -17.25 13.50
CA HIS A 2913 6.39 -18.25 12.54
C HIS A 2913 5.15 -17.76 11.81
N ILE A 2914 4.21 -17.16 12.52
CA ILE A 2914 2.96 -16.71 11.91
C ILE A 2914 3.14 -15.35 11.23
N LEU A 2915 3.75 -14.39 11.92
CA LEU A 2915 3.97 -13.04 11.40
C LEU A 2915 5.48 -12.81 11.33
N PRO A 2916 6.10 -13.05 10.18
CA PRO A 2916 7.54 -12.88 10.08
C PRO A 2916 7.95 -11.43 10.30
N GLY A 2917 9.08 -11.24 10.97
CA GLY A 2917 9.62 -9.91 11.19
C GLY A 2917 9.03 -9.17 12.37
N ALA A 2918 8.15 -9.79 13.15
CA ALA A 2918 7.60 -9.14 14.32
C ALA A 2918 8.67 -8.92 15.38
N ILE A 2919 8.55 -7.83 16.13
CA ILE A 2919 9.52 -7.46 17.15
C ILE A 2919 8.82 -7.46 18.50
N THR A 2920 9.37 -8.20 19.45
CA THR A 2920 8.76 -8.34 20.77
C THR A 2920 9.74 -7.90 21.84
N THR A 2921 9.28 -7.04 22.75
CA THR A 2921 10.06 -6.58 23.88
C THR A 2921 9.24 -6.78 25.15
N ASP A 2922 9.87 -7.39 26.17
CA ASP A 2922 9.22 -7.62 27.45
C ASP A 2922 10.10 -7.05 28.55
N ILE A 2923 9.65 -5.95 29.15
CA ILE A 2923 10.40 -5.26 30.20
C ILE A 2923 9.74 -5.55 31.54
N TYR A 2924 10.52 -6.07 32.48
CA TYR A 2924 10.05 -6.41 33.83
C TYR A 2924 10.63 -5.39 34.80
N ASP A 2925 9.80 -4.47 35.27
CA ASP A 2925 10.22 -3.43 36.19
C ASP A 2925 9.83 -3.82 37.60
N THR A 2926 10.83 -3.93 38.48
CA THR A 2926 10.62 -4.28 39.88
C THR A 2926 10.40 -3.07 40.76
N ARG A 2927 10.57 -1.85 40.23
CA ARG A 2927 10.29 -0.66 41.02
C ARG A 2927 8.82 -0.55 41.38
N THR A 2928 7.94 -0.78 40.39
CA THR A 2928 6.50 -0.77 40.59
C THR A 2928 5.88 -2.15 40.42
N LYS A 2929 6.69 -3.19 40.22
CA LYS A 2929 6.22 -4.55 40.02
C LYS A 2929 5.25 -4.63 38.84
N ILE A 2930 5.75 -4.21 37.67
CA ILE A 2930 4.95 -4.16 36.45
C ILE A 2930 5.74 -4.82 35.32
N LYS A 2931 5.04 -5.14 34.24
CA LYS A 2931 5.67 -5.67 33.04
C LYS A 2931 5.04 -5.02 31.82
N GLN A 2932 5.88 -4.48 30.95
CA GLN A 2932 5.45 -3.84 29.72
C GLN A 2932 5.83 -4.73 28.53
N TYR A 2933 4.83 -5.06 27.72
CA TYR A 2933 5.01 -5.90 26.55
C TYR A 2933 4.71 -5.08 25.31
N ILE A 2934 5.70 -4.98 24.43
CA ILE A 2934 5.61 -4.14 23.23
C ILE A 2934 5.78 -5.05 22.02
N LEU A 2935 4.81 -5.02 21.12
CA LEU A 2935 4.87 -5.77 19.86
C LEU A 2935 4.87 -4.78 18.71
N ARG A 2936 5.87 -4.88 17.84
CA ARG A 2936 5.98 -4.05 16.65
C ARG A 2936 5.76 -4.92 15.43
N ILE A 2937 4.76 -4.55 14.64
CA ILE A 2937 4.36 -5.28 13.43
C ILE A 2937 5.36 -4.96 12.32
N PRO A 2938 5.71 -5.91 11.46
CA PRO A 2938 6.67 -5.63 10.39
C PRO A 2938 6.12 -4.61 9.42
N PRO A 2939 6.99 -3.99 8.62
CA PRO A 2939 6.51 -3.01 7.63
C PRO A 2939 5.52 -3.56 6.62
N TYR A 2940 5.55 -4.86 6.35
CA TYR A 2940 4.63 -5.46 5.39
C TYR A 2940 4.07 -6.75 5.97
N VAL A 2941 2.76 -6.95 5.82
CA VAL A 2941 2.09 -8.18 6.21
C VAL A 2941 1.56 -8.84 4.95
N HIS A 2942 2.01 -10.07 4.70
CA HIS A 2942 1.68 -10.74 3.45
C HIS A 2942 0.22 -11.14 3.38
N LYS A 2943 -0.43 -11.34 4.53
CA LYS A 2943 -1.81 -11.79 4.53
C LYS A 2943 -2.46 -11.40 5.85
N ASP A 2944 -3.80 -11.45 5.87
CA ASP A 2944 -4.54 -11.16 7.08
C ASP A 2944 -4.17 -12.17 8.17
N ILE A 2945 -3.92 -11.66 9.37
CA ILE A 2945 -3.41 -12.47 10.47
C ILE A 2945 -4.27 -12.21 11.71
N HIS A 2946 -4.68 -13.29 12.37
CA HIS A 2946 -5.49 -13.22 13.58
C HIS A 2946 -4.78 -13.95 14.70
N PHE A 2947 -4.71 -13.33 15.88
CA PHE A 2947 -4.23 -14.05 17.06
C PHE A 2947 -4.83 -13.41 18.30
N SER A 2948 -4.42 -13.92 19.47
CA SER A 2948 -5.02 -13.46 20.71
C SER A 2948 -4.07 -13.73 21.88
N LEU A 2949 -4.34 -13.03 22.98
CA LEU A 2949 -3.60 -13.20 24.22
C LEU A 2949 -4.58 -13.20 25.39
N GLU A 2950 -4.18 -13.83 26.49
CA GLU A 2950 -5.04 -13.92 27.66
C GLU A 2950 -4.23 -13.67 28.92
N PHE A 2951 -4.82 -12.90 29.84
CA PHE A 2951 -4.24 -12.62 31.14
C PHE A 2951 -5.27 -13.01 32.18
N ASN A 2952 -5.03 -14.10 32.92
CA ASN A 2952 -6.01 -14.65 33.84
C ASN A 2952 -5.59 -14.32 35.27
N ASN A 2953 -6.47 -13.60 35.97
CA ASN A 2953 -6.29 -13.28 37.38
C ASN A 2953 -7.52 -13.65 38.20
N SER A 2954 -8.53 -14.29 37.59
CA SER A 2954 -9.73 -14.66 38.32
C SER A 2954 -9.44 -15.65 39.44
N LEU A 2955 -8.41 -16.48 39.26
CA LEU A 2955 -8.04 -17.43 40.32
C LEU A 2955 -7.56 -16.73 41.58
N SER A 2956 -7.15 -15.46 41.48
CA SER A 2956 -6.80 -14.71 42.67
C SER A 2956 -8.04 -14.48 43.53
N LEU A 2957 -7.88 -14.65 44.84
CA LEU A 2957 -9.00 -14.55 45.78
C LEU A 2957 -8.63 -13.57 46.88
N THR A 2958 -9.64 -12.90 47.42
CA THR A 2958 -9.41 -11.99 48.54
C THR A 2958 -10.64 -11.98 49.44
N LYS A 2959 -10.46 -11.49 50.65
CA LYS A 2959 -11.54 -11.36 51.62
C LYS A 2959 -11.64 -9.91 52.08
N GLN A 2960 -12.83 -9.35 52.00
CA GLN A 2960 -13.09 -7.97 52.38
C GLN A 2960 -14.47 -7.88 53.02
N ASN A 2961 -14.52 -7.33 54.23
CA ASN A 2961 -15.77 -7.19 54.99
C ASN A 2961 -16.48 -8.52 55.13
N GLN A 2962 -15.73 -9.57 55.42
CA GLN A 2962 -16.26 -10.94 55.53
C GLN A 2962 -16.96 -11.36 54.25
N ASN A 2963 -16.42 -10.93 53.11
CA ASN A 2963 -16.98 -11.25 51.80
C ASN A 2963 -15.87 -11.77 50.90
N ILE A 2964 -16.14 -12.85 50.20
CA ILE A 2964 -15.18 -13.46 49.29
C ILE A 2964 -15.27 -12.75 47.94
N ILE A 2965 -14.14 -12.20 47.48
CA ILE A 2965 -14.09 -11.45 46.23
C ILE A 2965 -13.11 -12.15 45.30
N TYR A 2966 -13.59 -12.48 44.10
CA TYR A 2966 -12.77 -13.08 43.05
C TYR A 2966 -12.21 -11.99 42.14
N GLY A 2967 -11.33 -12.40 41.24
CA GLY A 2967 -10.82 -11.55 40.20
C GLY A 2967 -11.58 -11.73 38.90
N ASN A 2968 -10.88 -11.51 37.79
CA ASN A 2968 -11.45 -11.73 36.46
C ASN A 2968 -10.32 -12.04 35.49
N VAL A 2969 -10.68 -12.24 34.24
CA VAL A 2969 -9.73 -12.55 33.18
C VAL A 2969 -9.92 -11.57 32.04
N ALA A 2970 -8.85 -11.37 31.27
CA ALA A 2970 -8.86 -10.46 30.13
C ALA A 2970 -8.40 -11.19 28.89
N LYS A 2971 -9.16 -11.06 27.81
CA LYS A 2971 -8.80 -11.62 26.51
C LYS A 2971 -8.67 -10.49 25.51
N ILE A 2972 -7.54 -10.45 24.81
CA ILE A 2972 -7.28 -9.44 23.79
C ILE A 2972 -7.16 -10.14 22.45
N PHE A 2973 -8.03 -9.76 21.51
CA PHE A 2973 -8.00 -10.29 20.16
C PHE A 2973 -7.32 -9.28 19.25
N ILE A 2974 -6.36 -9.75 18.44
CA ILE A 2974 -5.59 -8.88 17.57
C ILE A 2974 -5.80 -9.32 16.13
N HIS A 2975 -6.25 -8.37 15.31
CA HIS A 2975 -6.52 -8.53 13.89
C HIS A 2975 -5.50 -7.70 13.13
N ILE A 2976 -4.81 -8.31 12.18
CA ILE A 2976 -3.76 -7.63 11.42
C ILE A 2976 -4.25 -7.46 9.98
N ASN A 2977 -4.20 -6.22 9.50
CA ASN A 2977 -4.58 -5.92 8.13
C ASN A 2977 -3.41 -6.21 7.19
N GLN A 2978 -3.75 -6.44 5.92
CA GLN A 2978 -2.73 -6.71 4.91
C GLN A 2978 -1.85 -5.49 4.71
N GLY A 2979 -0.57 -5.73 4.44
CA GLY A 2979 0.37 -4.65 4.27
C GLY A 2979 0.32 -4.04 2.88
N TYR A 2980 1.09 -2.98 2.70
CA TYR A 2980 1.17 -2.25 1.45
C TYR A 2980 2.51 -2.52 0.80
N LYS A 2981 2.49 -3.01 -0.43
CA LYS A 2981 3.69 -3.31 -1.21
C LYS A 2981 4.67 -4.18 -0.43
N GLU A 2982 5.96 -3.91 -0.57
CA GLU A 2982 6.99 -4.65 0.15
C GLU A 2982 8.06 -3.68 0.62
N ILE A 2983 8.71 -4.04 1.71
CA ILE A 2983 9.77 -3.19 2.27
C ILE A 2983 10.99 -3.27 1.36
N HIS A 2984 11.49 -2.11 0.94
CA HIS A 2984 12.56 -2.03 -0.04
C HIS A 2984 13.91 -2.15 0.66
N GLY A 2985 14.24 -3.37 1.04
CA GLY A 2985 15.50 -3.65 1.69
C GLY A 2985 16.23 -4.80 1.03
N CYS A 2986 17.03 -5.52 1.81
CA CYS A 2986 17.74 -6.69 1.30
C CYS A 2986 17.69 -7.79 2.34
N ASP A 2987 17.31 -8.98 1.88
CA ASP A 2987 17.10 -10.13 2.76
C ASP A 2987 18.26 -11.09 2.54
N PHE A 2988 19.37 -10.89 3.27
CA PHE A 2988 20.50 -11.81 3.20
C PHE A 2988 20.19 -13.15 3.83
N THR A 2989 19.11 -13.24 4.61
CA THR A 2989 18.72 -14.52 5.19
C THR A 2989 18.30 -15.54 4.14
N GLY A 2990 17.64 -15.12 3.08
CA GLY A 2990 17.15 -16.05 2.09
C GLY A 2990 15.80 -16.67 2.44
N LYS A 2991 15.19 -16.23 3.54
CA LYS A 2991 13.88 -16.71 3.95
C LYS A 2991 12.81 -15.63 3.96
N TYR A 2992 13.18 -14.35 4.04
CA TYR A 2992 12.22 -13.26 4.07
C TYR A 2992 12.08 -12.71 2.65
N SER A 2993 11.60 -13.57 1.76
CA SER A 2993 11.34 -13.20 0.37
C SER A 2993 10.09 -12.34 0.23
N HIS A 2994 9.05 -12.64 1.00
CA HIS A 2994 7.82 -11.85 0.94
C HIS A 2994 8.06 -10.42 1.43
N LEU A 2995 8.92 -10.25 2.42
CA LEU A 2995 9.13 -8.93 3.00
C LEU A 2995 9.98 -8.04 2.08
N PHE A 2996 11.22 -8.42 1.85
CA PHE A 2996 12.17 -7.59 1.14
C PHE A 2996 12.13 -7.91 -0.35
N THR A 2997 12.85 -7.10 -1.14
CA THR A 2997 12.89 -7.24 -2.59
C THR A 2997 14.20 -7.84 -3.07
N TYR A 2998 15.04 -8.32 -2.16
CA TYR A 2998 16.29 -9.00 -2.51
C TYR A 2998 16.49 -10.15 -1.54
N SER A 2999 16.00 -11.34 -1.91
CA SER A 2999 16.10 -12.52 -1.07
C SER A 2999 17.05 -13.51 -1.75
N LYS A 3000 18.30 -13.54 -1.29
CA LYS A 3000 19.33 -14.41 -1.85
C LYS A 3000 19.69 -15.46 -0.82
N LYS A 3001 19.60 -16.73 -1.19
CA LYS A 3001 19.97 -17.81 -0.29
C LYS A 3001 21.47 -17.77 -0.01
N PRO A 3002 21.88 -17.96 1.24
CA PRO A 3002 23.31 -17.98 1.55
C PRO A 3002 24.01 -19.15 0.89
N LEU A 3003 25.27 -18.92 0.51
CA LEU A 3003 26.11 -19.92 -0.11
C LEU A 3003 27.49 -19.84 0.51
N PRO A 3004 28.25 -20.94 0.49
CA PRO A 3004 29.63 -20.87 0.97
C PRO A 3004 30.46 -19.88 0.17
N ASN A 3005 31.27 -19.10 0.87
CA ASN A 3005 32.07 -18.03 0.29
C ASN A 3005 31.20 -17.11 -0.56
N ASP A 3006 30.25 -16.47 0.11
CA ASP A 3006 29.30 -15.58 -0.53
C ASP A 3006 29.67 -14.13 -0.22
N ASP A 3007 29.73 -13.29 -1.25
CA ASP A 3007 30.03 -11.86 -1.12
C ASP A 3007 29.02 -11.11 -1.98
N ASP A 3008 27.93 -10.64 -1.36
CA ASP A 3008 26.90 -9.90 -2.04
C ASP A 3008 26.86 -8.46 -1.53
N ILE A 3009 26.69 -7.53 -2.46
CA ILE A 3009 26.60 -6.11 -2.16
C ILE A 3009 25.18 -5.66 -2.47
N CYS A 3010 24.52 -5.06 -1.49
CA CYS A 3010 23.16 -4.58 -1.64
C CYS A 3010 23.15 -3.06 -1.75
N ASN A 3011 22.51 -2.55 -2.79
CA ASN A 3011 22.40 -1.10 -3.02
C ASN A 3011 20.94 -0.77 -3.26
N VAL A 3012 20.31 -0.12 -2.29
CA VAL A 3012 18.90 0.27 -2.38
C VAL A 3012 18.79 1.75 -2.04
N THR A 3013 18.07 2.50 -2.87
CA THR A 3013 17.82 3.91 -2.63
C THR A 3013 16.35 4.11 -2.28
N ILE A 3014 16.10 4.82 -1.17
CA ILE A 3014 14.75 5.05 -0.69
C ILE A 3014 14.59 6.53 -0.35
N GLY A 3015 13.33 6.98 -0.36
CA GLY A 3015 12.98 8.33 -0.03
C GLY A 3015 12.27 8.43 1.31
N ASN A 3016 11.59 9.55 1.51
CA ASN A 3016 10.84 9.76 2.74
C ASN A 3016 9.63 8.84 2.80
N ASN A 3017 9.27 8.45 4.03
CA ASN A 3017 8.12 7.59 4.29
C ASN A 3017 8.21 6.26 3.55
N THR A 3018 9.43 5.77 3.35
CA THR A 3018 9.68 4.50 2.68
C THR A 3018 10.37 3.56 3.66
N PHE A 3019 9.82 2.36 3.81
CA PHE A 3019 10.37 1.39 4.74
C PHE A 3019 11.53 0.65 4.10
N SER A 3020 12.67 0.60 4.79
CA SER A 3020 13.82 -0.18 4.34
C SER A 3020 14.36 -0.96 5.52
N GLY A 3021 15.38 -1.77 5.27
CA GLY A 3021 15.98 -2.53 6.36
C GLY A 3021 16.74 -3.74 5.82
N PHE A 3022 17.09 -4.61 6.75
CA PHE A 3022 17.85 -5.82 6.40
C PHE A 3022 17.56 -6.92 7.40
N ALA A 3023 17.94 -8.14 7.02
CA ALA A 3023 17.79 -9.32 7.87
C ALA A 3023 18.98 -10.23 7.61
N CYS A 3024 19.79 -10.46 8.64
CA CYS A 3024 20.98 -11.30 8.55
C CYS A 3024 20.85 -12.49 9.51
N LEU A 3025 21.82 -13.39 9.45
CA LEU A 3025 21.86 -14.51 10.36
C LEU A 3025 22.38 -14.07 11.72
N SER A 3026 21.79 -14.62 12.78
CA SER A 3026 22.19 -14.25 14.14
C SER A 3026 23.54 -14.82 14.53
N HIS A 3027 24.10 -15.75 13.74
CA HIS A 3027 25.42 -16.29 13.99
C HIS A 3027 26.53 -15.40 13.46
N PHE A 3028 26.19 -14.33 12.76
CA PHE A 3028 27.16 -13.43 12.16
C PHE A 3028 27.45 -12.26 13.09
N GLU A 3029 28.31 -11.37 12.64
CA GLU A 3029 28.65 -10.15 13.36
C GLU A 3029 28.13 -8.94 12.58
N LEU A 3030 27.34 -8.10 13.24
CA LEU A 3030 26.76 -6.92 12.61
C LEU A 3030 27.68 -5.74 12.86
N LYS A 3031 28.27 -5.21 11.78
CA LYS A 3031 29.23 -4.12 11.85
C LYS A 3031 28.63 -2.87 11.25
N PRO A 3032 28.51 -1.78 12.01
CA PRO A 3032 28.81 -1.68 13.45
C PRO A 3032 27.69 -2.31 14.26
N ASN A 3033 27.89 -2.52 15.56
CA ASN A 3033 26.87 -3.17 16.36
C ASN A 3033 25.62 -2.29 16.45
N ASN A 3034 24.47 -2.94 16.58
CA ASN A 3034 23.19 -2.25 16.68
C ASN A 3034 22.90 -1.40 15.45
N CYS A 3035 22.76 -2.05 14.30
CA CYS A 3035 22.18 -1.39 13.13
C CYS A 3035 20.66 -1.46 13.23
N PHE A 3036 19.99 -0.35 12.93
CA PHE A 3036 20.62 0.86 12.40
C PHE A 3036 20.93 1.90 13.47
N SER A 3037 20.87 1.51 14.74
CA SER A 3037 21.14 2.46 15.81
C SER A 3037 22.51 3.10 15.66
N SER A 3038 23.49 2.33 15.18
CA SER A 3038 24.77 2.85 14.73
C SER A 3038 25.07 2.21 13.38
N VAL A 3039 25.51 3.04 12.42
CA VAL A 3039 25.71 2.62 11.05
C VAL A 3039 27.06 3.09 10.53
N TYR A 3040 27.53 2.40 9.49
CA TYR A 3040 28.67 2.87 8.71
C TYR A 3040 28.21 4.01 7.81
N ASP A 3041 28.97 5.09 7.78
CA ASP A 3041 28.64 6.23 6.93
C ASP A 3041 29.44 6.13 5.63
N TYR A 3042 28.73 6.06 4.50
CA TYR A 3042 29.40 6.04 3.20
C TYR A 3042 29.88 7.41 2.76
N ASN A 3043 29.52 8.47 3.48
CA ASN A 3043 30.10 9.78 3.27
C ASN A 3043 31.30 10.05 4.17
N GLU A 3044 31.51 9.23 5.19
CA GLU A 3044 32.65 9.36 6.09
C GLU A 3044 33.64 8.21 5.93
N ALA A 3045 33.68 7.59 4.76
CA ALA A 3045 34.58 6.47 4.47
C ALA A 3045 34.38 5.33 5.46
N ASN A 3046 33.14 4.83 5.53
CA ASN A 3046 32.74 3.71 6.37
C ASN A 3046 33.03 3.95 7.85
N LYS A 3047 33.05 5.20 8.29
CA LYS A 3047 33.24 5.48 9.70
C LYS A 3047 31.98 5.15 10.49
N VAL A 3048 32.16 4.80 11.75
CA VAL A 3048 31.03 4.45 12.61
C VAL A 3048 30.37 5.73 13.10
N LYS A 3049 29.06 5.83 12.89
CA LYS A 3049 28.28 6.95 13.39
C LYS A 3049 27.00 6.41 14.00
N LYS A 3050 26.26 7.28 14.67
CA LYS A 3050 24.97 6.93 15.25
C LYS A 3050 23.86 7.61 14.46
N LEU A 3051 22.76 6.88 14.25
CA LEU A 3051 21.63 7.44 13.51
C LEU A 3051 21.07 8.68 14.19
N PHE A 3052 21.17 8.76 15.51
CA PHE A 3052 20.68 9.92 16.23
C PHE A 3052 21.46 11.17 15.85
N ASP A 3053 22.78 11.05 15.68
CA ASP A 3053 23.58 12.18 15.22
C ASP A 3053 23.30 12.48 13.75
N LEU A 3054 23.12 11.43 12.94
CA LEU A 3054 22.86 11.64 11.52
C LEU A 3054 21.54 12.35 11.28
N SER A 3055 20.50 11.96 12.01
CA SER A 3055 19.18 12.55 11.84
C SER A 3055 18.38 12.38 13.12
N THR A 3056 17.29 13.13 13.22
CA THR A 3056 16.44 13.11 14.40
C THR A 3056 15.01 12.66 14.14
N LYS A 3057 14.46 12.95 12.96
CA LYS A 3057 13.07 12.64 12.64
C LYS A 3057 12.92 11.32 11.90
N VAL A 3058 13.80 10.36 12.18
CA VAL A 3058 13.71 9.03 11.58
C VAL A 3058 13.27 8.05 12.66
N GLU A 3059 12.62 6.97 12.23
CA GLU A 3059 12.13 5.96 13.16
C GLU A 3059 12.68 4.61 12.73
N LEU A 3060 13.33 3.90 13.65
CA LEU A 3060 13.99 2.65 13.33
C LEU A 3060 13.68 1.62 14.41
N ASP A 3061 14.04 0.38 14.12
CA ASP A 3061 13.90 -0.71 15.07
C ASP A 3061 14.89 -1.80 14.70
N HIS A 3062 15.24 -2.63 15.68
CA HIS A 3062 16.21 -3.69 15.46
C HIS A 3062 16.07 -4.74 16.54
N ILE A 3063 16.17 -6.02 16.13
CA ILE A 3063 16.33 -7.11 17.08
C ILE A 3063 17.47 -8.00 16.62
N LYS A 3064 18.15 -8.60 17.59
CA LYS A 3064 19.37 -9.37 17.36
C LYS A 3064 19.11 -10.86 17.12
N GLN A 3065 18.10 -11.44 17.76
CA GLN A 3065 17.86 -12.86 17.62
C GLN A 3065 16.39 -13.16 17.89
N ASN A 3066 15.70 -13.69 16.87
CA ASN A 3066 14.31 -14.08 16.98
C ASN A 3066 14.23 -15.58 17.29
N THR A 3067 13.00 -16.11 17.22
CA THR A 3067 12.80 -17.53 17.47
C THR A 3067 13.56 -18.38 16.47
N SER A 3068 13.50 -18.02 15.19
CA SER A 3068 14.19 -18.77 14.16
C SER A 3068 15.68 -18.46 14.09
N GLY A 3069 16.14 -17.39 14.72
CA GLY A 3069 17.54 -17.09 14.82
C GLY A 3069 18.10 -16.14 13.78
N TYR A 3070 17.37 -15.10 13.42
CA TYR A 3070 17.84 -14.09 12.47
C TYR A 3070 17.69 -12.70 13.06
N THR A 3071 18.65 -11.83 12.80
CA THR A 3071 18.59 -10.45 13.23
C THR A 3071 17.94 -9.60 12.16
N LEU A 3072 17.10 -8.66 12.60
CA LEU A 3072 16.38 -7.79 11.68
C LEU A 3072 16.53 -6.33 12.09
N SER A 3073 16.44 -5.45 11.10
CA SER A 3073 16.45 -4.02 11.34
C SER A 3073 15.59 -3.32 10.30
N TYR A 3074 14.76 -2.39 10.76
CA TYR A 3074 13.88 -1.61 9.91
C TYR A 3074 14.14 -0.13 10.13
N ILE A 3075 13.97 0.65 9.06
CA ILE A 3075 14.26 2.09 9.07
C ILE A 3075 13.22 2.81 8.23
N ILE A 3076 12.79 3.98 8.73
CA ILE A 3076 11.83 4.84 8.04
C ILE A 3076 12.29 6.29 8.20
N PHE A 3077 12.28 7.02 7.11
CA PHE A 3077 12.61 8.45 7.11
C PHE A 3077 11.33 9.25 6.93
N ASN A 3078 11.06 10.17 7.85
CA ASN A 3078 9.84 10.95 7.82
C ASN A 3078 10.20 12.44 7.86
N LYS A 3079 9.77 13.17 6.84
CA LYS A 3079 9.90 14.62 6.78
C LYS A 3079 11.36 15.06 6.95
N GLU A 3080 12.25 14.39 6.22
CA GLU A 3080 13.67 14.72 6.22
C GLU A 3080 14.06 15.26 4.85
N SER A 3081 14.73 16.41 4.84
CA SER A 3081 15.13 17.06 3.60
C SER A 3081 16.63 17.00 3.40
N THR A 3082 17.25 15.90 3.84
CA THR A 3082 18.68 15.68 3.69
C THR A 3082 18.92 14.40 2.90
N LYS A 3083 19.95 14.42 2.05
CA LYS A 3083 20.31 13.24 1.27
C LYS A 3083 21.64 12.72 1.80
N LEU A 3084 21.78 11.40 1.85
CA LEU A 3084 22.95 10.79 2.47
C LEU A 3084 23.04 9.33 2.01
N LYS A 3085 24.04 8.62 2.54
CA LYS A 3085 24.24 7.22 2.23
C LYS A 3085 24.89 6.55 3.43
N PHE A 3086 24.30 5.43 3.87
CA PHE A 3086 24.86 4.67 4.98
C PHE A 3086 24.90 3.20 4.59
N SER A 3087 25.45 2.38 5.48
CA SER A 3087 25.59 0.96 5.19
C SER A 3087 25.75 0.19 6.49
N CYS A 3088 25.47 -1.11 6.40
CA CYS A 3088 25.72 -2.05 7.48
C CYS A 3088 26.29 -3.33 6.89
N THR A 3089 26.98 -4.10 7.72
CA THR A 3089 27.64 -5.31 7.26
C THR A 3089 27.30 -6.47 8.19
N CYS A 3090 27.18 -7.66 7.61
CA CYS A 3090 27.01 -8.90 8.37
C CYS A 3090 28.14 -9.83 7.94
N SER A 3091 29.13 -10.01 8.82
CA SER A 3091 30.37 -10.67 8.48
C SER A 3091 30.55 -11.95 9.28
N SER A 3092 31.29 -12.89 8.70
CA SER A 3092 31.61 -14.15 9.35
C SER A 3092 32.95 -14.63 8.83
N ASN A 3093 33.31 -15.86 9.20
CA ASN A 3093 34.60 -16.41 8.80
C ASN A 3093 34.62 -16.83 7.34
N TYR A 3094 33.45 -17.05 6.73
CA TYR A 3094 33.40 -17.52 5.35
C TYR A 3094 32.54 -16.65 4.43
N SER A 3095 31.72 -15.75 4.98
CA SER A 3095 30.85 -14.92 4.16
C SER A 3095 30.85 -13.51 4.72
N ASN A 3096 30.50 -12.55 3.85
CA ASN A 3096 30.49 -11.14 4.22
C ASN A 3096 29.44 -10.43 3.37
N TYR A 3097 28.25 -10.21 3.93
CA TYR A 3097 27.19 -9.48 3.25
C TYR A 3097 27.24 -8.02 3.67
N THR A 3098 26.80 -7.14 2.77
CA THR A 3098 26.69 -5.73 3.11
C THR A 3098 25.44 -5.15 2.46
N ILE A 3099 24.83 -4.20 3.16
CA ILE A 3099 23.67 -3.46 2.65
C ILE A 3099 24.02 -1.98 2.66
N ARG A 3100 23.84 -1.33 1.51
CA ARG A 3100 24.18 0.07 1.32
C ARG A 3100 22.91 0.81 0.89
N ILE A 3101 22.46 1.74 1.72
CA ILE A 3101 21.18 2.41 1.53
C ILE A 3101 21.43 3.90 1.31
N THR A 3102 20.84 4.44 0.25
CA THR A 3102 20.92 5.85 -0.08
C THR A 3102 19.59 6.52 0.24
N PHE A 3103 19.64 7.63 0.95
CA PHE A 3103 18.46 8.42 1.25
C PHE A 3103 18.45 9.68 0.39
N ASP A 3104 17.37 9.86 -0.36
CA ASP A 3104 17.18 11.01 -1.24
C ASP A 3104 15.77 11.56 -1.04
N PRO A 3105 15.63 12.76 -0.50
CA PRO A 3105 14.28 13.31 -0.26
C PRO A 3105 13.48 13.56 -1.54
N ASN A 3106 14.14 13.67 -2.70
CA ASN A 3106 13.46 13.96 -3.95
C ASN A 3106 13.47 12.76 -4.89
N TYR A 3107 13.41 11.55 -4.33
CA TYR A 3107 13.37 10.31 -5.10
C TYR A 3107 12.08 9.58 -4.76
N ILE A 3108 11.25 9.35 -5.76
CA ILE A 3108 10.05 8.51 -5.61
C ILE A 3108 10.31 7.20 -6.33
N ILE A 3109 9.92 6.10 -5.70
CA ILE A 3109 10.16 4.77 -6.25
C ILE A 3109 9.29 4.58 -7.49
N PRO A 3110 9.87 4.22 -8.64
CA PRO A 3110 9.04 3.98 -9.84
C PRO A 3110 8.29 2.67 -9.76
N GLU A 3111 7.52 2.50 -8.68
CA GLU A 3111 6.71 1.31 -8.46
C GLU A 3111 5.33 1.54 -9.04
N PRO A 3112 4.70 0.54 -9.65
CA PRO A 3112 3.35 0.73 -10.21
C PRO A 3112 2.33 1.09 -9.14
N GLN A 3113 1.35 1.91 -9.56
CA GLN A 3113 0.37 2.42 -8.61
C GLN A 3113 -0.46 1.30 -7.97
N SER A 3114 -0.88 0.33 -8.76
CA SER A 3114 -1.63 -0.81 -8.26
C SER A 3114 -0.69 -1.85 -7.68
N ARG A 3115 -1.21 -2.64 -6.75
CA ARG A 3115 -0.42 -3.69 -6.10
C ARG A 3115 -1.13 -5.03 -6.28
N ALA A 3116 -0.34 -6.09 -6.41
CA ALA A 3116 -0.88 -7.43 -6.56
C ALA A 3116 -1.67 -7.83 -5.32
N ILE A 3117 -2.98 -8.02 -5.47
CA ILE A 3117 -3.85 -8.35 -4.36
C ILE A 3117 -3.95 -9.87 -4.27
N ILE A 3118 -3.53 -10.43 -3.14
CA ILE A 3118 -3.52 -11.87 -2.92
C ILE A 3118 -4.74 -12.25 -2.09
N LYS A 3119 -5.52 -13.20 -2.59
CA LYS A 3119 -6.68 -13.68 -1.87
C LYS A 3119 -6.74 -15.20 -1.99
N TYR A 3120 -7.34 -15.83 -0.97
CA TYR A 3120 -7.48 -17.27 -0.91
C TYR A 3120 -8.97 -17.61 -0.98
N VAL A 3121 -9.40 -18.20 -2.09
CA VAL A 3121 -10.80 -18.55 -2.32
C VAL A 3121 -10.86 -20.04 -2.60
N ASP A 3122 -11.76 -20.73 -1.90
CA ASP A 3122 -11.95 -22.16 -2.11
C ASP A 3122 -13.43 -22.51 -2.18
N ASP B 30 25.18 17.17 -20.14
CA ASP B 30 25.00 15.95 -19.35
C ASP B 30 23.98 15.00 -19.99
N PHE B 31 23.86 15.06 -21.32
CA PHE B 31 22.86 14.27 -22.01
C PHE B 31 23.19 12.78 -21.92
N CYS B 32 22.23 12.01 -21.40
CA CYS B 32 22.36 10.57 -21.29
C CYS B 32 21.09 9.92 -21.81
N LYS B 33 21.23 8.68 -22.28
CA LYS B 33 20.10 7.96 -22.82
C LYS B 33 19.04 7.75 -21.74
N PRO B 34 17.75 7.77 -22.10
CA PRO B 34 16.71 7.59 -21.09
C PRO B 34 16.84 6.29 -20.30
N SER B 35 17.22 5.20 -20.97
CA SER B 35 17.42 3.94 -20.28
C SER B 35 18.50 4.04 -19.22
N SER B 36 19.41 4.99 -19.34
CA SER B 36 20.48 5.20 -18.36
C SER B 36 20.08 6.14 -17.23
N LEU B 37 18.85 6.66 -17.24
CA LEU B 37 18.38 7.53 -16.17
C LEU B 37 17.64 6.79 -15.08
N ASN B 38 17.54 5.47 -15.16
CA ASN B 38 16.87 4.68 -14.14
C ASN B 38 17.81 4.24 -13.02
N SER B 39 19.09 4.61 -13.10
CA SER B 39 20.11 4.25 -12.11
C SER B 39 20.18 2.73 -12.02
N GLU B 40 20.52 2.19 -10.84
CA GLU B 40 20.56 0.76 -10.62
C GLU B 40 19.98 0.45 -9.25
N ILE B 41 19.18 -0.61 -9.19
CA ILE B 41 18.51 -1.03 -7.96
C ILE B 41 18.57 -2.55 -7.88
N SER B 42 18.96 -3.07 -6.72
CA SER B 42 19.05 -4.51 -6.53
C SER B 42 17.70 -5.16 -6.32
N GLY B 43 16.63 -4.38 -6.13
CA GLY B 43 15.30 -4.92 -5.95
C GLY B 43 14.64 -5.27 -7.26
N PHE B 44 13.33 -5.49 -7.19
CA PHE B 44 12.53 -5.90 -8.34
C PHE B 44 11.67 -4.77 -8.91
N ILE B 45 10.85 -4.14 -8.08
CA ILE B 45 10.01 -3.00 -8.48
C ILE B 45 9.09 -3.48 -9.61
N GLY B 46 8.17 -4.37 -9.27
CA GLY B 46 7.19 -4.85 -10.23
C GLY B 46 6.04 -5.59 -9.58
N TYR B 47 5.30 -6.38 -10.37
CA TYR B 47 4.20 -7.19 -9.85
C TYR B 47 4.72 -8.61 -9.63
N LYS B 48 5.43 -8.80 -8.52
CA LYS B 48 5.92 -10.13 -8.19
C LYS B 48 4.78 -11.00 -7.69
N CYS B 49 4.52 -12.11 -8.39
CA CYS B 49 3.54 -13.10 -7.97
C CYS B 49 4.33 -14.38 -7.71
N ASN B 50 4.86 -14.49 -6.49
CA ASN B 50 5.74 -15.60 -6.14
C ASN B 50 4.93 -16.87 -5.91
N PHE B 51 5.36 -17.95 -6.55
CA PHE B 51 4.82 -19.28 -6.27
C PHE B 51 5.99 -20.25 -6.25
N SER B 52 6.60 -20.42 -5.08
CA SER B 52 7.75 -21.31 -4.96
C SER B 52 7.68 -22.01 -3.62
N ASN B 53 8.16 -23.25 -3.57
CA ASN B 53 8.05 -24.04 -2.34
C ASN B 53 8.79 -23.38 -1.20
N GLU B 54 9.97 -22.82 -1.47
CA GLU B 54 10.73 -22.14 -0.43
C GLU B 54 10.18 -20.75 -0.10
N GLY B 55 9.30 -20.20 -0.93
CA GLY B 55 8.74 -18.89 -0.68
C GLY B 55 7.61 -18.93 0.33
N VAL B 56 7.19 -17.72 0.73
CA VAL B 56 6.11 -17.59 1.70
C VAL B 56 4.80 -18.08 1.11
N HIS B 57 4.50 -17.66 -0.12
CA HIS B 57 3.27 -18.07 -0.80
C HIS B 57 3.49 -19.34 -1.60
N ASN B 58 3.89 -20.39 -0.89
CA ASN B 58 4.23 -21.67 -1.51
C ASN B 58 2.96 -22.37 -1.97
N LEU B 59 3.11 -23.54 -2.59
CA LEU B 59 1.98 -24.32 -3.09
C LEU B 59 2.04 -25.77 -2.67
N LYS B 60 3.05 -26.17 -1.90
CA LYS B 60 3.10 -27.54 -1.40
C LYS B 60 1.98 -27.76 -0.38
N PRO B 61 1.50 -28.99 -0.25
CA PRO B 61 0.41 -29.25 0.70
C PRO B 61 0.79 -28.88 2.12
N ASP B 62 -0.17 -28.29 2.84
CA ASP B 62 0.04 -27.85 4.20
C ASP B 62 -1.29 -27.91 4.95
N MET B 63 -1.20 -27.97 6.28
CA MET B 63 -2.42 -28.05 7.09
C MET B 63 -2.89 -26.68 7.56
N ARG B 64 -2.04 -25.66 7.51
CA ARG B 64 -2.44 -24.33 7.95
C ARG B 64 -3.43 -23.72 6.95
N GLU B 65 -3.12 -23.79 5.67
CA GLU B 65 -3.98 -23.26 4.62
C GLU B 65 -4.32 -24.37 3.63
N ARG B 66 -5.58 -24.41 3.20
CA ARG B 66 -6.07 -25.46 2.31
C ARG B 66 -6.76 -24.88 1.08
N ARG B 67 -6.43 -23.66 0.69
CA ARG B 67 -7.08 -23.00 -0.42
C ARG B 67 -6.06 -22.43 -1.39
N SER B 68 -6.51 -22.19 -2.62
CA SER B 68 -5.66 -21.71 -3.70
C SER B 68 -5.28 -20.25 -3.48
N ILE B 69 -4.32 -19.79 -4.27
CA ILE B 69 -3.80 -18.43 -4.18
C ILE B 69 -4.13 -17.70 -5.48
N PHE B 70 -4.72 -16.52 -5.36
CA PHE B 70 -5.07 -15.69 -6.51
C PHE B 70 -4.19 -14.45 -6.53
N CYS B 71 -3.53 -14.22 -7.65
CA CYS B 71 -2.71 -13.02 -7.85
C CYS B 71 -3.37 -12.19 -8.93
N THR B 72 -4.34 -11.37 -8.53
CA THR B 72 -5.14 -10.58 -9.46
C THR B 72 -4.55 -9.19 -9.60
N ILE B 73 -4.31 -8.76 -10.83
CA ILE B 73 -3.76 -7.45 -11.13
C ILE B 73 -4.63 -6.88 -12.25
N HIS B 74 -5.58 -6.01 -11.89
CA HIS B 74 -6.50 -5.40 -12.85
C HIS B 74 -6.20 -3.91 -12.91
N SER B 75 -5.31 -3.52 -13.82
CA SER B 75 -4.93 -2.12 -13.93
C SER B 75 -4.12 -1.93 -15.19
N TYR B 76 -4.02 -0.67 -15.63
CA TYR B 76 -3.18 -0.34 -16.77
C TYR B 76 -1.73 -0.25 -16.35
N PHE B 77 -0.84 -0.73 -17.21
CA PHE B 77 0.59 -0.75 -16.93
C PHE B 77 1.31 0.27 -17.81
N ILE B 78 2.12 1.12 -17.19
CA ILE B 78 3.00 2.00 -17.95
C ILE B 78 4.36 1.32 -18.05
N TYR B 79 4.52 0.48 -19.06
CA TYR B 79 5.75 -0.28 -19.28
C TYR B 79 6.14 -1.05 -18.03
N ASP B 80 5.14 -1.65 -17.38
CA ASP B 80 5.33 -2.31 -16.10
C ASP B 80 5.55 -3.81 -16.30
N LYS B 81 6.13 -4.44 -15.28
CA LYS B 81 6.53 -5.84 -15.36
C LYS B 81 5.68 -6.69 -14.43
N ILE B 82 5.28 -7.86 -14.90
CA ILE B 82 4.60 -8.86 -14.09
C ILE B 82 5.48 -10.10 -14.08
N ARG B 83 5.85 -10.55 -12.89
CA ARG B 83 6.74 -11.70 -12.73
C ARG B 83 5.98 -12.87 -12.11
N LEU B 84 6.26 -14.07 -12.61
CA LEU B 84 5.61 -15.30 -12.16
C LEU B 84 6.71 -16.28 -11.76
N ILE B 85 7.14 -16.21 -10.50
CA ILE B 85 8.16 -17.11 -10.00
C ILE B 85 7.58 -18.50 -9.83
N ILE B 86 8.29 -19.51 -10.31
CA ILE B 86 7.82 -20.90 -10.21
C ILE B 86 8.99 -21.75 -9.70
N PRO B 87 8.69 -22.90 -9.09
CA PRO B 87 9.76 -23.81 -8.69
C PRO B 87 10.37 -24.51 -9.89
N LYS B 88 11.63 -24.91 -9.75
CA LYS B 88 12.31 -25.61 -10.82
C LYS B 88 11.65 -26.97 -11.06
N LYS B 89 11.69 -27.40 -12.32
CA LYS B 89 11.03 -28.65 -12.70
C LYS B 89 11.65 -29.85 -11.99
N SER B 90 12.98 -29.89 -11.91
CA SER B 90 13.65 -31.02 -11.28
C SER B 90 13.33 -31.10 -9.79
N SER B 91 13.35 -29.95 -9.11
CA SER B 91 13.12 -29.95 -7.66
C SER B 91 11.69 -30.37 -7.32
N SER B 92 10.72 -29.89 -8.08
CA SER B 92 9.31 -30.20 -7.84
C SER B 92 8.66 -30.65 -9.14
N PRO B 93 8.88 -31.90 -9.54
CA PRO B 93 8.27 -32.38 -10.80
C PRO B 93 6.75 -32.39 -10.78
N GLU B 94 6.12 -32.42 -9.61
CA GLU B 94 4.66 -32.39 -9.56
C GLU B 94 4.11 -31.05 -10.01
N PHE B 95 4.85 -29.96 -9.78
CA PHE B 95 4.39 -28.64 -10.17
C PHE B 95 4.26 -28.53 -11.68
N LYS B 96 3.11 -28.01 -12.13
CA LYS B 96 2.89 -27.79 -13.55
C LYS B 96 2.25 -26.43 -13.73
N ILE B 97 2.40 -25.86 -14.93
CA ILE B 97 1.90 -24.53 -15.23
C ILE B 97 1.15 -24.60 -16.55
N LEU B 98 -0.03 -23.98 -16.59
CA LEU B 98 -0.89 -23.98 -17.77
C LEU B 98 -1.10 -22.55 -18.26
N PRO B 99 -0.71 -22.23 -19.50
CA PRO B 99 0.02 -23.09 -20.45
C PRO B 99 1.46 -23.27 -20.01
N GLU B 100 2.15 -24.31 -20.49
CA GLU B 100 3.52 -24.55 -20.05
C GLU B 100 4.44 -23.38 -20.35
N LYS B 101 4.25 -22.73 -21.49
CA LYS B 101 4.97 -21.49 -21.82
C LYS B 101 4.11 -20.27 -21.51
N CYS B 102 3.86 -20.05 -20.22
CA CYS B 102 3.00 -18.95 -19.81
C CYS B 102 3.65 -17.62 -20.16
N PHE B 103 2.81 -16.61 -20.43
CA PHE B 103 3.16 -15.29 -20.91
C PHE B 103 3.62 -15.31 -22.37
N GLN B 104 3.80 -16.49 -22.96
CA GLN B 104 3.94 -16.67 -24.40
C GLN B 104 2.64 -17.14 -25.01
N LYS B 105 2.00 -18.13 -24.40
CA LYS B 105 0.62 -18.49 -24.67
C LYS B 105 -0.16 -18.32 -23.37
N VAL B 106 -1.35 -17.73 -23.46
CA VAL B 106 -2.15 -17.41 -22.28
C VAL B 106 -3.57 -17.92 -22.47
N TYR B 107 -4.19 -18.33 -21.38
CA TYR B 107 -5.58 -18.72 -21.41
C TYR B 107 -6.46 -17.50 -21.61
N THR B 108 -7.60 -17.71 -22.26
CA THR B 108 -8.50 -16.60 -22.55
C THR B 108 -9.84 -16.68 -21.83
N ASP B 109 -10.25 -17.85 -21.34
CA ASP B 109 -11.55 -18.03 -20.72
C ASP B 109 -11.39 -18.76 -19.40
N TYR B 110 -12.24 -18.41 -18.43
CA TYR B 110 -12.25 -19.11 -17.15
C TYR B 110 -12.83 -20.52 -17.30
N GLU B 111 -13.85 -20.67 -18.14
CA GLU B 111 -14.56 -21.94 -18.28
C GLU B 111 -14.16 -22.71 -19.53
N ASN B 112 -13.96 -22.03 -20.66
CA ASN B 112 -13.66 -22.73 -21.90
C ASN B 112 -12.24 -23.31 -21.89
N ARG B 113 -11.31 -22.65 -21.20
CA ARG B 113 -9.92 -23.10 -21.10
C ARG B 113 -9.29 -23.24 -22.49
N VAL B 114 -9.23 -22.11 -23.20
CA VAL B 114 -8.63 -22.06 -24.53
C VAL B 114 -7.37 -21.21 -24.45
N GLU B 115 -6.25 -21.79 -24.85
CA GLU B 115 -4.97 -21.10 -24.84
C GLU B 115 -4.72 -20.46 -26.20
N THR B 116 -4.39 -19.17 -26.20
CA THR B 116 -4.12 -18.43 -27.41
C THR B 116 -2.78 -17.75 -27.30
N ASP B 117 -2.13 -17.56 -28.44
CA ASP B 117 -0.88 -16.80 -28.46
C ASP B 117 -1.14 -15.37 -28.02
N ILE B 118 -0.26 -14.86 -27.16
CA ILE B 118 -0.43 -13.50 -26.65
C ILE B 118 -0.05 -12.44 -27.67
N SER B 119 0.54 -12.83 -28.80
CA SER B 119 0.81 -11.87 -29.86
C SER B 119 -0.45 -11.45 -30.59
N GLU B 120 -1.51 -12.28 -30.55
CA GLU B 120 -2.77 -11.98 -31.21
C GLU B 120 -3.83 -11.49 -30.24
N LEU B 121 -3.43 -11.07 -29.04
CA LEU B 121 -4.35 -10.55 -28.04
C LEU B 121 -4.51 -9.03 -28.12
N GLY B 122 -3.92 -8.40 -29.12
CA GLY B 122 -3.96 -6.96 -29.25
C GLY B 122 -2.90 -6.22 -28.47
N LEU B 123 -1.99 -6.93 -27.80
CA LEU B 123 -0.93 -6.27 -27.06
C LEU B 123 0.03 -5.57 -28.00
N ILE B 124 0.55 -4.43 -27.56
CA ILE B 124 1.45 -3.61 -28.35
C ILE B 124 2.76 -3.45 -27.57
N GLU B 125 3.87 -3.78 -28.22
CA GLU B 125 5.22 -3.59 -27.69
C GLU B 125 5.44 -4.29 -26.35
N TYR B 126 4.78 -5.42 -26.12
CA TYR B 126 5.06 -6.23 -24.94
C TYR B 126 6.33 -7.04 -25.18
N GLU B 127 6.89 -7.57 -24.09
CA GLU B 127 8.02 -8.48 -24.23
C GLU B 127 8.02 -9.47 -23.06
N ILE B 128 8.76 -10.55 -23.24
CA ILE B 128 8.82 -11.63 -22.26
C ILE B 128 10.27 -11.96 -21.99
N GLU B 129 10.58 -12.30 -20.75
CA GLU B 129 11.88 -12.85 -20.36
C GLU B 129 11.67 -14.09 -19.51
N GLU B 130 12.48 -15.12 -19.77
CA GLU B 130 12.41 -16.38 -19.04
C GLU B 130 13.81 -16.69 -18.48
N ASN B 131 13.99 -16.40 -17.20
CA ASN B 131 15.28 -16.60 -16.55
C ASN B 131 15.29 -17.92 -15.78
N ASP B 132 16.26 -18.77 -16.10
CA ASP B 132 16.42 -20.05 -15.42
C ASP B 132 17.80 -20.22 -14.83
N THR B 133 18.64 -19.17 -14.83
CA THR B 133 19.98 -19.29 -14.30
C THR B 133 20.00 -19.56 -12.81
N ASN B 134 19.04 -19.01 -12.05
CA ASN B 134 19.01 -19.24 -10.61
C ASN B 134 18.70 -20.71 -10.33
N PRO B 135 19.42 -21.34 -9.40
CA PRO B 135 19.20 -22.77 -9.12
C PRO B 135 18.07 -23.06 -8.14
N ASN B 136 17.33 -22.05 -7.70
CA ASN B 136 16.24 -22.23 -6.76
C ASN B 136 14.86 -22.04 -7.38
N TYR B 137 14.72 -21.12 -8.33
CA TYR B 137 13.43 -20.85 -8.93
C TYR B 137 13.61 -20.36 -10.36
N ASN B 138 12.53 -20.46 -11.13
CA ASN B 138 12.47 -19.98 -12.50
C ASN B 138 11.63 -18.71 -12.55
N GLU B 139 12.15 -17.66 -13.17
CA GLU B 139 11.47 -16.38 -13.27
C GLU B 139 10.91 -16.21 -14.67
N ARG B 140 9.66 -15.75 -14.75
CA ARG B 140 9.01 -15.47 -16.03
C ARG B 140 8.41 -14.07 -15.94
N THR B 141 9.02 -13.10 -16.59
CA THR B 141 8.56 -11.72 -16.56
C THR B 141 7.93 -11.35 -17.90
N ILE B 142 6.89 -10.52 -17.83
CA ILE B 142 6.29 -9.93 -19.01
C ILE B 142 6.22 -8.43 -18.79
N THR B 143 6.75 -7.67 -19.75
CA THR B 143 6.72 -6.20 -19.71
C THR B 143 5.65 -5.72 -20.66
N ILE B 144 4.74 -4.89 -20.15
CA ILE B 144 3.57 -4.43 -20.88
C ILE B 144 3.61 -2.91 -20.98
N SER B 145 3.23 -2.41 -22.15
CA SER B 145 3.22 -1.01 -22.51
C SER B 145 1.83 -0.40 -22.34
N PRO B 146 1.73 0.92 -22.16
CA PRO B 146 0.42 1.56 -22.05
C PRO B 146 -0.25 1.89 -23.37
N PHE B 147 0.22 1.34 -24.48
CA PHE B 147 -0.28 1.69 -25.80
C PHE B 147 -1.36 0.74 -26.32
N SER B 148 -1.88 -0.13 -25.46
CA SER B 148 -2.86 -1.10 -25.92
C SER B 148 -4.14 -0.38 -26.39
N PRO B 149 -4.74 -0.81 -27.48
CA PRO B 149 -5.97 -0.17 -27.97
C PRO B 149 -7.26 -0.76 -27.43
N LYS B 150 -7.20 -1.71 -26.49
CA LYS B 150 -8.40 -2.33 -25.94
C LYS B 150 -8.09 -2.81 -24.53
N ASP B 151 -9.12 -3.31 -23.85
CA ASP B 151 -8.98 -3.90 -22.53
C ASP B 151 -8.72 -5.39 -22.69
N ILE B 152 -7.54 -5.84 -22.29
CA ILE B 152 -7.11 -7.22 -22.47
C ILE B 152 -7.19 -7.95 -21.14
N GLU B 153 -7.54 -9.22 -21.18
CA GLU B 153 -7.58 -10.07 -19.99
C GLU B 153 -6.92 -11.39 -20.31
N PHE B 154 -6.02 -11.85 -19.43
CA PHE B 154 -5.41 -13.15 -19.62
C PHE B 154 -5.05 -13.78 -18.30
N PHE B 155 -5.19 -15.10 -18.23
CA PHE B 155 -4.91 -15.87 -17.04
C PHE B 155 -3.65 -16.72 -17.24
N CYS B 156 -3.11 -17.22 -16.12
CA CYS B 156 -2.06 -18.23 -16.17
C CYS B 156 -2.18 -19.07 -14.91
N PHE B 157 -2.47 -20.36 -15.06
CA PHE B 157 -2.76 -21.22 -13.92
C PHE B 157 -1.51 -21.98 -13.51
N CYS B 158 -1.41 -22.27 -12.23
CA CYS B 158 -0.30 -23.05 -11.68
C CYS B 158 -0.91 -24.19 -10.88
N ASP B 159 -0.85 -25.40 -11.42
CA ASP B 159 -1.47 -26.56 -10.80
C ASP B 159 -0.41 -27.35 -10.05
N ASN B 160 -0.64 -27.57 -8.75
CA ASN B 160 0.25 -28.34 -7.90
C ASN B 160 -0.49 -29.49 -7.23
N THR B 161 -1.66 -29.87 -7.74
CA THR B 161 -2.45 -30.94 -7.14
C THR B 161 -1.77 -32.30 -7.29
N GLU B 162 -0.79 -32.43 -8.17
CA GLU B 162 -0.07 -33.69 -8.31
C GLU B 162 0.67 -34.05 -7.03
N LYS B 163 1.26 -33.05 -6.37
CA LYS B 163 2.01 -33.30 -5.15
C LYS B 163 1.05 -33.62 -4.00
N VAL B 164 1.16 -34.84 -3.48
CA VAL B 164 0.34 -35.28 -2.34
C VAL B 164 1.29 -35.73 -1.25
N ILE B 165 1.13 -35.15 -0.05
CA ILE B 165 1.93 -35.49 1.11
C ILE B 165 1.00 -35.84 2.26
N SER B 166 1.22 -37.01 2.86
CA SER B 166 0.39 -37.49 3.98
C SER B 166 -1.09 -37.54 3.59
N SER B 167 -1.36 -38.01 2.37
CA SER B 167 -2.72 -38.14 1.85
C SER B 167 -3.45 -36.80 1.86
N ILE B 168 -2.72 -35.72 1.56
CA ILE B 168 -3.28 -34.38 1.47
C ILE B 168 -2.92 -33.82 0.10
N GLU B 169 -3.94 -33.43 -0.67
CA GLU B 169 -3.71 -32.91 -2.00
C GLU B 169 -3.10 -31.51 -1.94
N GLY B 170 -2.42 -31.14 -3.02
CA GLY B 170 -1.83 -29.83 -3.13
C GLY B 170 -2.83 -28.76 -3.49
N ARG B 171 -2.35 -27.52 -3.48
CA ARG B 171 -3.18 -26.36 -3.79
C ARG B 171 -2.80 -25.80 -5.15
N SER B 172 -3.78 -25.19 -5.82
CA SER B 172 -3.57 -24.57 -7.11
C SER B 172 -3.35 -23.07 -6.94
N ALA B 173 -3.15 -22.38 -8.06
CA ALA B 173 -3.00 -20.94 -8.06
C ALA B 173 -3.34 -20.41 -9.44
N MET B 174 -3.60 -19.11 -9.52
CA MET B 174 -3.95 -18.48 -10.79
C MET B 174 -3.52 -17.03 -10.77
N VAL B 175 -2.84 -16.59 -11.82
CA VAL B 175 -2.53 -15.18 -12.01
C VAL B 175 -3.49 -14.63 -13.06
N HIS B 176 -4.34 -13.69 -12.65
CA HIS B 176 -5.26 -13.00 -13.54
C HIS B 176 -4.73 -11.61 -13.79
N VAL B 177 -4.53 -11.24 -15.05
CA VAL B 177 -4.02 -9.93 -15.40
C VAL B 177 -5.01 -9.26 -16.35
N ARG B 178 -5.47 -8.07 -15.97
CA ARG B 178 -6.38 -7.27 -16.79
C ARG B 178 -5.62 -5.99 -17.14
N VAL B 179 -5.14 -5.93 -18.38
CA VAL B 179 -4.51 -4.75 -18.93
C VAL B 179 -5.60 -3.82 -19.43
N LEU B 180 -6.02 -2.89 -18.57
CA LEU B 180 -7.02 -1.91 -18.98
C LEU B 180 -6.40 -0.92 -19.96
N LYS B 181 -7.11 -0.64 -21.05
CA LYS B 181 -6.67 0.40 -21.96
C LYS B 181 -6.59 1.72 -21.22
N TYR B 182 -5.56 2.50 -21.52
CA TYR B 182 -5.36 3.77 -20.83
C TYR B 182 -6.56 4.67 -21.07
N PRO B 183 -7.22 5.16 -20.03
CA PRO B 183 -8.51 5.86 -20.22
C PRO B 183 -8.36 7.30 -20.64
N HIS B 184 -7.17 7.70 -21.07
CA HIS B 184 -6.92 9.07 -21.50
C HIS B 184 -6.10 9.06 -22.79
N ASN B 185 -6.09 10.21 -23.46
CA ASN B 185 -5.39 10.33 -24.73
C ASN B 185 -3.90 10.20 -24.51
N ILE B 186 -3.26 9.35 -25.31
CA ILE B 186 -1.81 9.16 -25.27
C ILE B 186 -1.19 9.97 -26.39
N LEU B 187 -0.18 10.77 -26.06
CA LEU B 187 0.48 11.61 -27.03
C LEU B 187 1.93 11.15 -27.19
N PHE B 188 2.51 11.49 -28.34
CA PHE B 188 3.82 10.98 -28.73
C PHE B 188 4.55 12.07 -29.49
N THR B 189 5.81 12.30 -29.13
CA THR B 189 6.70 13.17 -29.88
C THR B 189 7.73 12.31 -30.60
N ASN B 190 7.70 12.34 -31.94
CA ASN B 190 8.57 11.50 -32.76
C ASN B 190 9.82 12.28 -33.11
N LEU B 191 10.76 12.31 -32.16
CA LEU B 191 12.02 13.02 -32.31
C LEU B 191 13.18 12.08 -32.62
N THR B 192 12.91 10.85 -33.01
CA THR B 192 13.95 9.90 -33.40
C THR B 192 13.80 9.54 -34.87
N ASN B 193 14.90 9.03 -35.44
CA ASN B 193 14.88 8.63 -36.84
C ASN B 193 14.03 7.39 -37.09
N ASP B 194 13.83 6.56 -36.07
CA ASP B 194 13.06 5.34 -36.24
C ASP B 194 11.57 5.66 -36.45
N LEU B 195 10.87 4.71 -37.07
CA LEU B 195 9.45 4.84 -37.35
C LEU B 195 8.66 3.96 -36.38
N PHE B 196 7.75 4.58 -35.64
CA PHE B 196 6.93 3.88 -34.65
C PHE B 196 5.56 3.63 -35.26
N THR B 197 5.47 2.56 -36.06
CA THR B 197 4.20 2.22 -36.71
C THR B 197 3.20 1.62 -35.73
N TYR B 198 3.65 1.15 -34.58
CA TYR B 198 2.76 0.51 -33.60
C TYR B 198 1.80 1.48 -32.94
N LEU B 199 2.14 2.77 -32.88
CA LEU B 199 1.24 3.76 -32.30
C LEU B 199 1.25 5.00 -33.17
N PRO B 200 0.12 5.36 -33.80
CA PRO B 200 0.19 6.37 -34.88
C PRO B 200 -0.14 7.79 -34.48
N LYS B 201 -0.56 8.05 -33.25
CA LYS B 201 -0.88 9.41 -32.83
C LYS B 201 0.37 10.09 -32.27
N THR B 202 0.87 11.08 -33.00
CA THR B 202 2.15 11.69 -32.68
C THR B 202 2.20 13.15 -33.14
N TYR B 203 3.30 13.85 -32.82
CA TYR B 203 3.48 15.23 -33.25
C TYR B 203 4.60 15.35 -34.28
N ASN B 204 5.60 14.47 -34.19
CA ASN B 204 6.76 14.41 -35.07
C ASN B 204 7.59 15.70 -35.04
N GLU B 205 8.73 15.69 -35.73
CA GLU B 205 9.66 16.81 -35.63
C GLU B 205 9.09 18.07 -36.28
N SER B 206 8.33 17.92 -37.37
CA SER B 206 7.89 19.07 -38.14
C SER B 206 6.98 20.01 -37.35
N ASN B 207 6.33 19.52 -36.28
CA ASN B 207 5.43 20.36 -35.52
C ASN B 207 6.14 21.29 -34.55
N PHE B 208 7.46 21.16 -34.39
CA PHE B 208 8.20 22.03 -33.49
C PHE B 208 8.41 23.39 -34.14
N VAL B 209 8.19 24.45 -33.36
CA VAL B 209 8.45 25.82 -33.80
C VAL B 209 9.68 26.32 -33.05
N SER B 210 10.74 26.62 -33.80
CA SER B 210 12.03 27.03 -33.23
C SER B 210 12.54 25.98 -32.24
N ASN B 211 12.27 24.72 -32.55
CA ASN B 211 12.66 23.58 -31.70
C ASN B 211 12.08 23.71 -30.29
N VAL B 212 10.92 24.35 -30.17
CA VAL B 212 10.24 24.54 -28.90
C VAL B 212 8.80 24.07 -29.06
N LEU B 213 8.39 23.10 -28.24
CA LEU B 213 7.04 22.57 -28.27
C LEU B 213 6.34 22.88 -26.96
N GLU B 214 5.10 23.35 -27.05
CA GLU B 214 4.27 23.64 -25.89
C GLU B 214 2.91 22.97 -26.11
N VAL B 215 2.71 21.82 -25.49
CA VAL B 215 1.50 21.01 -25.68
C VAL B 215 0.60 21.20 -24.47
N GLU B 216 -0.69 21.41 -24.74
CA GLU B 216 -1.70 21.56 -23.70
C GLU B 216 -2.40 20.21 -23.52
N LEU B 217 -2.30 19.66 -22.32
CA LEU B 217 -2.83 18.33 -22.03
C LEU B 217 -3.88 18.41 -20.93
N ASN B 218 -4.79 17.45 -20.95
CA ASN B 218 -5.77 17.29 -19.88
C ASN B 218 -5.13 16.47 -18.76
N ASP B 219 -5.92 16.13 -17.74
CA ASP B 219 -5.39 15.39 -16.61
C ASP B 219 -5.27 13.91 -16.92
N GLY B 220 -4.18 13.31 -16.48
CA GLY B 220 -3.91 11.91 -16.78
C GLY B 220 -3.53 11.65 -18.22
N GLU B 221 -3.01 12.66 -18.92
CA GLU B 221 -2.65 12.55 -20.33
C GLU B 221 -1.18 12.17 -20.44
N LEU B 222 -0.92 10.95 -20.90
CA LEU B 222 0.46 10.51 -21.11
C LEU B 222 1.12 11.35 -22.19
N PHE B 223 2.42 11.59 -22.01
CA PHE B 223 3.26 12.19 -23.05
C PHE B 223 4.49 11.29 -23.16
N VAL B 224 4.50 10.44 -24.17
CA VAL B 224 5.59 9.49 -24.39
C VAL B 224 6.53 10.12 -25.42
N LEU B 225 7.48 10.91 -24.94
CA LEU B 225 8.47 11.52 -25.81
C LEU B 225 9.49 10.48 -26.24
N ALA B 226 9.93 10.57 -27.49
CA ALA B 226 10.92 9.66 -28.05
C ALA B 226 12.19 10.46 -28.34
N CYS B 227 13.28 10.08 -27.67
CA CYS B 227 14.56 10.75 -27.87
C CYS B 227 15.67 9.82 -27.41
N GLU B 228 16.74 9.76 -28.21
CA GLU B 228 17.90 8.95 -27.83
C GLU B 228 18.71 9.62 -26.73
N LEU B 229 18.91 10.94 -26.82
CA LEU B 229 19.66 11.68 -25.82
C LEU B 229 18.76 12.76 -25.21
N ILE B 230 18.61 12.71 -23.89
CA ILE B 230 17.77 13.66 -23.16
C ILE B 230 18.60 14.26 -22.02
N ASN B 231 18.04 15.29 -21.40
CA ASN B 231 18.71 15.93 -20.27
C ASN B 231 18.69 15.03 -19.04
N LYS B 232 19.69 15.23 -18.17
CA LYS B 232 19.76 14.43 -16.95
C LYS B 232 18.58 14.71 -16.03
N LYS B 233 18.11 15.96 -15.99
CA LYS B 233 16.95 16.35 -15.20
C LYS B 233 15.77 16.66 -16.10
N CYS B 234 15.58 15.85 -17.15
CA CYS B 234 14.47 16.05 -18.06
C CYS B 234 13.14 15.91 -17.34
N PHE B 235 12.19 16.79 -17.69
CA PHE B 235 10.83 16.76 -17.16
C PHE B 235 10.83 16.86 -15.64
N GLN B 236 11.71 17.71 -15.12
CA GLN B 236 11.78 17.89 -13.67
C GLN B 236 11.87 19.35 -13.29
N GLU B 237 12.17 20.22 -14.25
CA GLU B 237 12.35 21.65 -13.97
C GLU B 237 11.94 22.45 -15.21
N GLY B 238 10.74 23.02 -15.15
CA GLY B 238 10.24 23.81 -16.26
C GLY B 238 10.87 25.19 -16.30
N LYS B 239 10.76 25.81 -17.49
CA LYS B 239 11.29 27.16 -17.67
C LYS B 239 10.38 28.19 -17.01
N GLU B 240 10.74 28.60 -15.81
CA GLU B 240 9.94 29.52 -14.99
C GLU B 240 8.52 28.97 -14.87
N LYS B 241 7.54 29.86 -14.69
CA LYS B 241 6.13 29.48 -14.56
C LYS B 241 5.94 28.39 -13.52
N ALA B 242 6.58 28.61 -12.37
CA ALA B 242 6.52 27.70 -11.21
C ALA B 242 6.99 26.32 -11.68
N LEU B 243 6.45 25.24 -11.12
CA LEU B 243 6.84 23.88 -11.49
C LEU B 243 5.86 22.92 -10.82
N TYR B 244 5.54 21.85 -11.54
CA TYR B 244 4.69 20.80 -10.99
C TYR B 244 5.37 19.45 -11.23
N LYS B 245 4.91 18.44 -10.50
CA LYS B 245 5.52 17.13 -10.51
C LYS B 245 4.56 16.12 -11.14
N SER B 246 5.06 15.38 -12.12
CA SER B 246 4.36 14.23 -12.66
C SER B 246 4.34 13.13 -11.60
N ASN B 247 3.24 12.38 -11.55
CA ASN B 247 3.16 11.27 -10.63
C ASN B 247 4.16 10.19 -11.02
N LYS B 248 4.56 10.17 -12.29
CA LYS B 248 5.53 9.22 -12.80
C LYS B 248 6.35 9.84 -13.93
N ILE B 249 7.65 9.54 -13.97
CA ILE B 249 8.49 9.85 -15.11
C ILE B 249 9.22 8.57 -15.49
N ILE B 250 8.64 7.81 -16.42
CA ILE B 250 9.15 6.47 -16.67
C ILE B 250 10.07 6.48 -17.88
N TYR B 251 11.32 6.07 -17.68
CA TYR B 251 12.30 5.98 -18.76
C TYR B 251 12.43 4.53 -19.21
N HIS B 252 12.26 4.29 -20.50
CA HIS B 252 12.32 2.94 -21.03
C HIS B 252 12.58 3.00 -22.52
N LYS B 253 13.72 2.46 -22.95
CA LYS B 253 14.04 2.25 -24.37
C LYS B 253 13.85 3.53 -25.17
N ASN B 254 14.68 4.53 -24.86
CA ASN B 254 14.65 5.87 -25.45
C ASN B 254 13.25 6.47 -25.48
N LEU B 255 12.42 6.11 -24.50
CA LEU B 255 11.08 6.67 -24.34
C LEU B 255 10.95 7.24 -22.95
N THR B 256 10.63 8.53 -22.87
CA THR B 256 10.40 9.22 -21.60
C THR B 256 8.91 9.48 -21.47
N ILE B 257 8.29 8.89 -20.45
CA ILE B 257 6.85 8.97 -20.25
C ILE B 257 6.58 9.96 -19.12
N PHE B 258 5.86 11.03 -19.44
CA PHE B 258 5.39 12.01 -18.48
C PHE B 258 3.89 11.77 -18.30
N LYS B 259 3.48 11.38 -17.10
CA LYS B 259 2.07 11.20 -16.80
C LYS B 259 1.53 12.50 -16.23
N ALA B 260 0.57 13.11 -16.93
CA ALA B 260 0.04 14.39 -16.50
C ALA B 260 -0.68 14.24 -15.15
N PRO B 261 -0.52 15.23 -14.27
CA PRO B 261 -1.11 15.09 -12.93
C PRO B 261 -2.64 15.10 -12.99
N PHE B 262 -3.23 14.39 -12.04
CA PHE B 262 -4.68 14.27 -11.95
C PHE B 262 -5.36 15.52 -11.41
N TYR B 263 -4.65 16.39 -10.70
CA TYR B 263 -5.26 17.58 -10.13
C TYR B 263 -4.22 18.68 -10.09
N VAL B 264 -4.62 19.88 -10.55
CA VAL B 264 -3.74 21.03 -10.61
C VAL B 264 -4.48 22.23 -10.02
N THR B 265 -3.70 23.20 -9.51
CA THR B 265 -4.25 24.33 -8.80
C THR B 265 -3.98 25.68 -9.45
N SER B 266 -2.97 25.80 -10.30
CA SER B 266 -2.58 27.08 -10.86
C SER B 266 -2.45 26.97 -12.38
N LYS B 267 -2.46 28.13 -13.03
CA LYS B 267 -2.41 28.18 -14.49
C LYS B 267 -0.98 28.29 -15.01
N ASP B 268 -0.17 29.15 -14.40
CA ASP B 268 1.22 29.34 -14.82
C ASP B 268 2.03 28.13 -14.35
N VAL B 269 1.99 27.08 -15.16
CA VAL B 269 2.62 25.81 -14.85
C VAL B 269 3.33 25.30 -16.10
N ASN B 270 4.59 24.89 -15.95
CA ASN B 270 5.41 24.44 -17.06
C ASN B 270 6.35 23.32 -16.62
N THR B 271 6.74 22.47 -17.56
CA THR B 271 7.77 21.46 -17.35
C THR B 271 8.62 21.33 -18.61
N GLU B 272 9.93 21.26 -18.45
CA GLU B 272 10.87 21.37 -19.56
C GLU B 272 11.67 20.10 -19.74
N CYS B 273 11.93 19.75 -21.01
CA CYS B 273 12.90 18.72 -21.38
C CYS B 273 13.70 19.22 -22.57
N THR B 274 14.91 18.70 -22.72
CA THR B 274 15.82 19.12 -23.77
C THR B 274 16.36 17.91 -24.52
N CYS B 275 16.56 18.08 -25.83
CA CYS B 275 17.19 17.06 -26.67
C CYS B 275 18.20 17.73 -27.59
N LYS B 276 19.17 16.94 -28.03
CA LYS B 276 20.20 17.40 -28.98
C LYS B 276 20.11 16.69 -30.32
N PHE B 277 18.96 16.11 -30.66
CA PHE B 277 18.79 15.35 -31.89
C PHE B 277 19.07 16.20 -33.11
N LYS B 278 19.81 15.62 -34.08
CA LYS B 278 20.18 16.28 -35.33
C LYS B 278 20.97 17.56 -35.06
N ASN B 279 21.77 17.55 -33.99
CA ASN B 279 22.56 18.71 -33.57
C ASN B 279 21.67 19.95 -33.41
N ASN B 280 20.53 19.74 -32.75
CA ASN B 280 19.60 20.83 -32.46
C ASN B 280 18.99 20.60 -31.09
N ASN B 281 18.98 21.66 -30.26
CA ASN B 281 18.49 21.56 -28.90
C ASN B 281 16.96 21.73 -28.88
N TYR B 282 16.29 20.67 -29.32
CA TYR B 282 14.83 20.63 -29.32
C TYR B 282 14.31 20.66 -27.89
N LYS B 283 13.57 21.71 -27.54
CA LYS B 283 13.01 21.86 -26.20
C LYS B 283 11.54 21.49 -26.22
N ILE B 284 11.09 20.83 -25.15
CA ILE B 284 9.72 20.39 -25.00
C ILE B 284 9.17 20.96 -23.70
N VAL B 285 7.98 21.57 -23.76
CA VAL B 285 7.37 22.24 -22.62
C VAL B 285 5.96 21.67 -22.46
N LEU B 286 5.72 21.04 -21.32
CA LEU B 286 4.39 20.53 -21.00
C LEU B 286 3.67 21.48 -20.05
N LYS B 287 2.38 21.71 -20.32
CA LYS B 287 1.56 22.59 -19.49
C LYS B 287 0.08 22.23 -19.59
N PRO B 288 -0.57 21.88 -18.48
CA PRO B 288 -2.03 21.76 -18.48
C PRO B 288 -2.68 23.13 -18.61
N LYS B 289 -3.94 23.12 -19.05
CA LYS B 289 -4.66 24.35 -19.37
C LYS B 289 -5.79 24.64 -18.40
N TYR B 290 -6.55 23.63 -17.97
CA TYR B 290 -7.69 23.88 -17.09
C TYR B 290 -7.39 23.39 -15.67
N GLU B 291 -7.97 24.08 -14.69
CA GLU B 291 -7.58 23.93 -13.30
C GLU B 291 -8.78 23.81 -12.38
N LYS B 292 -8.56 23.21 -11.21
CA LYS B 292 -9.48 23.27 -10.07
C LYS B 292 -10.88 22.72 -10.43
N LYS B 293 -10.93 21.42 -10.65
CA LYS B 293 -12.23 20.75 -10.72
C LYS B 293 -13.04 21.03 -9.46
N VAL B 294 -14.35 20.80 -9.55
CA VAL B 294 -15.21 20.91 -8.39
C VAL B 294 -15.09 19.61 -7.59
N ILE B 295 -14.34 19.66 -6.49
CA ILE B 295 -14.05 18.47 -5.70
C ILE B 295 -15.30 18.05 -4.93
N HIS B 296 -15.70 16.79 -5.09
CA HIS B 296 -16.86 16.26 -4.39
C HIS B 296 -16.48 15.95 -2.95
N GLY B 297 -16.58 16.94 -2.08
CA GLY B 297 -16.17 16.74 -0.70
C GLY B 297 -16.85 17.73 0.22
N CYS B 298 -16.20 17.96 1.36
CA CYS B 298 -16.74 18.82 2.41
C CYS B 298 -15.68 19.81 2.85
N ASN B 299 -16.10 21.07 3.01
CA ASN B 299 -15.19 22.15 3.38
C ASN B 299 -15.50 22.53 4.83
N PHE B 300 -14.74 21.97 5.76
CA PHE B 300 -14.90 22.29 7.18
C PHE B 300 -14.09 23.50 7.61
N SER B 301 -13.34 24.12 6.71
CA SER B 301 -12.49 25.24 7.06
C SER B 301 -13.26 26.55 6.95
N SER B 302 -12.94 27.48 7.85
CA SER B 302 -13.53 28.82 7.80
C SER B 302 -13.02 29.65 6.63
N ASN B 303 -11.96 29.22 5.97
CA ASN B 303 -11.39 30.00 4.88
C ASN B 303 -12.31 29.95 3.66
N VAL B 304 -12.79 31.12 3.24
CA VAL B 304 -13.64 31.22 2.06
C VAL B 304 -12.84 31.60 0.82
N SER B 305 -11.55 31.84 0.95
CA SER B 305 -10.68 32.20 -0.18
C SER B 305 -9.70 31.09 -0.52
N SER B 306 -10.01 29.85 -0.15
CA SER B 306 -9.12 28.73 -0.44
C SER B 306 -9.05 28.49 -1.95
N LYS B 307 -7.87 28.09 -2.42
CA LYS B 307 -7.68 27.84 -3.84
C LYS B 307 -8.46 26.62 -4.32
N HIS B 308 -8.93 25.77 -3.41
CA HIS B 308 -9.74 24.63 -3.77
C HIS B 308 -11.21 25.00 -3.76
N THR B 309 -12.01 24.21 -4.49
CA THR B 309 -13.46 24.43 -4.59
C THR B 309 -14.16 23.12 -4.28
N PHE B 310 -14.89 23.10 -3.16
CA PHE B 310 -15.57 21.90 -2.70
C PHE B 310 -17.08 22.03 -2.96
N THR B 311 -17.74 20.88 -3.14
CA THR B 311 -19.18 20.88 -3.35
C THR B 311 -19.91 21.40 -2.13
N ASP B 312 -19.59 20.85 -0.95
CA ASP B 312 -20.28 21.17 0.28
C ASP B 312 -19.45 22.14 1.11
N SER B 313 -20.04 22.60 2.22
CA SER B 313 -19.35 23.52 3.12
C SER B 313 -20.07 23.54 4.46
N LEU B 314 -19.31 23.40 5.54
CA LEU B 314 -19.88 23.50 6.88
C LEU B 314 -18.74 23.83 7.83
N ASP B 315 -18.76 25.04 8.40
CA ASP B 315 -17.71 25.45 9.31
C ASP B 315 -17.76 24.62 10.58
N ILE B 316 -16.58 24.26 11.09
CA ILE B 316 -16.48 23.50 12.33
C ILE B 316 -16.08 24.42 13.46
N SER B 317 -15.31 25.47 13.15
CA SER B 317 -14.89 26.42 14.16
C SER B 317 -16.04 27.35 14.57
N LEU B 318 -17.00 27.58 13.69
CA LEU B 318 -18.11 28.48 13.98
C LEU B 318 -19.29 27.78 14.65
N VAL B 319 -19.28 26.45 14.72
CA VAL B 319 -20.33 25.68 15.39
C VAL B 319 -19.90 25.48 16.84
N ASP B 320 -20.86 25.23 17.72
CA ASP B 320 -20.57 25.13 19.14
C ASP B 320 -20.13 23.71 19.51
N ASP B 321 -19.59 23.60 20.72
CA ASP B 321 -18.95 22.37 21.18
C ASP B 321 -19.92 21.19 21.29
N SER B 322 -21.20 21.48 21.49
CA SER B 322 -22.21 20.45 21.69
C SER B 322 -22.78 19.92 20.37
N ALA B 323 -22.13 20.19 19.25
CA ALA B 323 -22.63 19.83 17.94
C ALA B 323 -21.72 18.84 17.25
N HIS B 324 -22.32 17.79 16.69
CA HIS B 324 -21.63 16.83 15.86
C HIS B 324 -21.95 17.15 14.40
N ILE B 325 -20.92 17.34 13.59
CA ILE B 325 -21.10 17.66 12.18
C ILE B 325 -21.07 16.37 11.39
N SER B 326 -22.03 16.20 10.50
CA SER B 326 -22.07 15.02 9.64
C SER B 326 -22.42 15.45 8.22
N CYS B 327 -21.54 15.16 7.27
CA CYS B 327 -21.80 15.50 5.87
C CYS B 327 -21.51 14.28 5.01
N ASN B 328 -22.28 14.15 3.93
CA ASN B 328 -22.20 13.01 3.04
C ASN B 328 -21.99 13.49 1.61
N VAL B 329 -21.13 12.78 0.88
CA VAL B 329 -20.86 13.04 -0.53
C VAL B 329 -21.26 11.80 -1.31
N HIS B 330 -22.31 11.91 -2.11
CA HIS B 330 -22.83 10.81 -2.89
C HIS B 330 -22.48 11.02 -4.36
N LEU B 331 -21.93 9.98 -4.99
CA LEU B 331 -21.51 10.05 -6.38
C LEU B 331 -22.14 8.90 -7.16
N SER B 332 -22.62 9.20 -8.37
CA SER B 332 -23.33 8.21 -9.17
C SER B 332 -23.03 8.46 -10.64
N GLU B 333 -22.23 7.59 -11.25
CA GLU B 333 -21.89 7.68 -12.66
C GLU B 333 -21.41 6.31 -13.13
N PRO B 334 -21.75 5.91 -14.35
CA PRO B 334 -21.18 4.65 -14.88
C PRO B 334 -19.67 4.67 -14.95
N LYS B 335 -19.07 5.82 -15.28
CA LYS B 335 -17.63 5.99 -15.32
C LYS B 335 -17.25 7.23 -14.57
N TYR B 336 -16.16 7.15 -13.80
CA TYR B 336 -15.71 8.24 -12.95
C TYR B 336 -14.41 8.83 -13.48
N ASN B 337 -14.31 10.15 -13.39
CA ASN B 337 -13.08 10.89 -13.65
C ASN B 337 -12.76 11.89 -12.57
N HIS B 338 -13.65 12.09 -11.60
CA HIS B 338 -13.54 13.16 -10.62
C HIS B 338 -12.84 12.67 -9.34
N LEU B 339 -12.94 13.50 -8.29
CA LEU B 339 -12.18 13.36 -7.06
C LEU B 339 -13.12 13.29 -5.88
N VAL B 340 -12.55 13.05 -4.70
CA VAL B 340 -13.21 13.21 -3.42
C VAL B 340 -12.19 13.78 -2.44
N GLY B 341 -12.53 14.90 -1.81
CA GLY B 341 -11.58 15.62 -0.99
C GLY B 341 -12.18 16.04 0.34
N LEU B 342 -11.30 16.53 1.22
CA LEU B 342 -11.69 16.92 2.56
C LEU B 342 -10.69 17.94 3.07
N ASN B 343 -11.19 19.13 3.44
CA ASN B 343 -10.36 20.22 3.92
C ASN B 343 -10.82 20.59 5.32
N CYS B 344 -9.90 20.60 6.28
CA CYS B 344 -10.28 20.79 7.67
C CYS B 344 -9.10 21.34 8.46
N PRO B 345 -9.36 22.23 9.43
CA PRO B 345 -8.26 22.77 10.25
C PRO B 345 -7.90 21.95 11.48
N GLY B 346 -8.57 20.84 11.75
CA GLY B 346 -8.24 19.98 12.87
C GLY B 346 -7.41 18.79 12.38
N ASP B 347 -7.29 17.81 13.26
CA ASP B 347 -6.61 16.58 12.88
C ASP B 347 -7.57 15.64 12.17
N ILE B 348 -7.02 14.86 11.23
CA ILE B 348 -7.80 13.98 10.37
C ILE B 348 -7.49 12.54 10.75
N ILE B 349 -8.54 11.78 11.07
CA ILE B 349 -8.42 10.40 11.54
C ILE B 349 -9.21 9.52 10.58
N PRO B 350 -8.58 8.48 10.01
CA PRO B 350 -7.17 8.14 10.06
C PRO B 350 -6.38 9.01 9.09
N ASP B 351 -5.20 8.58 8.64
CA ASP B 351 -4.43 9.38 7.70
C ASP B 351 -5.08 9.35 6.32
N CYS B 352 -6.25 10.00 6.20
CA CYS B 352 -6.93 10.10 4.92
C CYS B 352 -6.05 10.84 3.92
N PHE B 353 -6.10 10.43 2.65
CA PHE B 353 -6.99 9.36 2.21
C PHE B 353 -6.25 8.08 1.86
N PHE B 354 -5.03 7.95 2.38
CA PHE B 354 -4.31 6.68 2.24
C PHE B 354 -5.06 5.56 2.95
N GLN B 355 -5.60 5.86 4.13
CA GLN B 355 -6.41 4.91 4.90
C GLN B 355 -7.70 5.59 5.31
N VAL B 356 -8.77 4.81 5.39
CA VAL B 356 -10.09 5.31 5.72
C VAL B 356 -10.72 4.41 6.76
N TYR B 357 -11.90 4.82 7.24
CA TYR B 357 -12.66 4.05 8.20
C TYR B 357 -13.60 3.10 7.47
N GLN B 358 -14.54 2.51 8.19
CA GLN B 358 -15.56 1.63 7.65
C GLN B 358 -16.94 2.24 7.86
N PRO B 359 -17.95 1.79 7.09
CA PRO B 359 -19.31 2.33 7.28
C PRO B 359 -19.91 1.86 8.60
N GLU B 360 -19.52 2.50 9.69
CA GLU B 360 -20.01 2.18 11.04
C GLU B 360 -20.91 3.33 11.48
N SER B 361 -22.20 3.19 11.18
CA SER B 361 -23.20 4.19 11.53
C SER B 361 -24.27 3.59 12.42
N GLU B 362 -24.84 4.42 13.28
CA GLU B 362 -25.91 4.06 14.22
C GLU B 362 -25.47 3.04 15.26
N GLU B 363 -24.20 2.64 15.27
CA GLU B 363 -23.68 1.72 16.28
C GLU B 363 -22.64 2.38 17.17
N LEU B 364 -21.59 2.96 16.59
CA LEU B 364 -20.53 3.61 17.35
C LEU B 364 -19.66 4.38 16.37
N GLU B 365 -18.82 5.24 16.92
CA GLU B 365 -17.87 5.98 16.10
C GLU B 365 -16.86 5.00 15.48
N PRO B 366 -16.51 5.19 14.21
CA PRO B 366 -15.64 4.21 13.54
C PRO B 366 -14.27 4.13 14.21
N SER B 367 -13.73 2.91 14.30
CA SER B 367 -12.45 2.68 14.94
C SER B 367 -11.58 1.67 14.20
N ASN B 368 -12.02 1.17 13.05
CA ASN B 368 -11.25 0.21 12.27
C ASN B 368 -10.72 0.89 11.01
N ILE B 369 -9.48 0.56 10.66
CA ILE B 369 -8.77 1.25 9.57
C ILE B 369 -8.60 0.27 8.42
N VAL B 370 -8.96 0.71 7.21
CA VAL B 370 -8.79 -0.08 6.00
C VAL B 370 -8.08 0.78 4.96
N TYR B 371 -7.43 0.11 4.01
CA TYR B 371 -6.79 0.81 2.90
C TYR B 371 -7.85 1.18 1.87
N LEU B 372 -7.72 2.39 1.32
CA LEU B 372 -8.69 2.87 0.34
C LEU B 372 -8.68 1.99 -0.91
N ASP B 373 -7.49 1.53 -1.31
CA ASP B 373 -7.37 0.72 -2.52
C ASP B 373 -8.18 -0.56 -2.40
N SER B 374 -8.13 -1.20 -1.24
CA SER B 374 -8.95 -2.39 -1.00
C SER B 374 -10.38 -2.04 -0.62
N GLN B 375 -10.63 -0.84 -0.09
CA GLN B 375 -11.97 -0.46 0.29
C GLN B 375 -12.86 -0.23 -0.93
N ILE B 376 -12.33 0.47 -1.94
CA ILE B 376 -13.10 0.74 -3.15
C ILE B 376 -12.92 -0.37 -4.19
N ASN B 377 -11.90 -1.22 -4.04
CA ASN B 377 -11.62 -2.31 -4.98
C ASN B 377 -11.35 -1.79 -6.38
N ILE B 378 -10.68 -0.65 -6.47
CA ILE B 378 -10.17 -0.11 -7.73
C ILE B 378 -8.71 0.25 -7.52
N GLY B 379 -7.85 -0.17 -8.45
CA GLY B 379 -6.45 0.14 -8.34
C GLY B 379 -6.15 1.57 -8.74
N ASP B 380 -4.85 1.88 -8.83
CA ASP B 380 -4.28 3.14 -9.32
C ASP B 380 -5.14 4.37 -9.05
N ILE B 381 -5.45 4.59 -7.77
CA ILE B 381 -6.14 5.79 -7.32
C ILE B 381 -5.08 6.85 -7.06
N GLU B 382 -5.36 8.10 -7.45
CA GLU B 382 -4.34 9.14 -7.41
C GLU B 382 -4.60 10.03 -6.20
N TYR B 383 -3.75 9.91 -5.18
CA TYR B 383 -3.91 10.66 -3.95
C TYR B 383 -3.34 12.07 -4.08
N TYR B 384 -3.62 12.89 -3.07
CA TYR B 384 -3.15 14.26 -3.05
C TYR B 384 -3.25 14.79 -1.63
N GLU B 385 -2.26 15.57 -1.21
CA GLU B 385 -2.25 16.18 0.11
C GLU B 385 -1.77 17.61 0.01
N ASP B 386 -2.24 18.45 0.93
CA ASP B 386 -1.85 19.85 0.95
C ASP B 386 -2.08 20.41 2.34
N ALA B 387 -1.35 21.48 2.64
CA ALA B 387 -1.43 22.18 3.94
C ALA B 387 -1.54 23.67 3.65
N GLU B 388 -2.77 24.17 3.51
CA GLU B 388 -3.02 25.58 3.29
C GLU B 388 -3.06 26.26 4.65
N GLY B 389 -1.92 26.80 5.07
CA GLY B 389 -1.80 27.31 6.43
C GLY B 389 -1.93 26.17 7.41
N ASP B 390 -2.91 26.25 8.30
CA ASP B 390 -3.22 25.16 9.21
C ASP B 390 -4.25 24.20 8.65
N ASP B 391 -4.82 24.49 7.48
CA ASP B 391 -5.87 23.67 6.90
C ASP B 391 -5.26 22.48 6.19
N LYS B 392 -5.47 21.28 6.74
CA LYS B 392 -5.05 20.06 6.07
C LYS B 392 -6.10 19.67 5.04
N ILE B 393 -5.66 19.44 3.80
CA ILE B 393 -6.54 19.07 2.70
C ILE B 393 -6.05 17.75 2.14
N LYS B 394 -6.95 16.76 2.08
CA LYS B 394 -6.61 15.43 1.57
C LYS B 394 -7.61 15.05 0.50
N LEU B 395 -7.12 14.61 -0.65
CA LEU B 395 -7.95 14.28 -1.79
C LEU B 395 -7.52 12.95 -2.38
N PHE B 396 -8.46 12.30 -3.06
CA PHE B 396 -8.13 11.16 -3.90
C PHE B 396 -9.03 11.19 -5.13
N GLY B 397 -8.41 11.10 -6.30
CA GLY B 397 -9.13 11.12 -7.56
C GLY B 397 -9.14 9.73 -8.17
N ILE B 398 -10.29 9.38 -8.77
CA ILE B 398 -10.52 8.05 -9.33
C ILE B 398 -10.89 8.20 -10.79
N VAL B 399 -10.30 7.35 -11.63
CA VAL B 399 -10.65 7.27 -13.04
C VAL B 399 -10.97 5.80 -13.34
N GLY B 400 -12.15 5.55 -13.89
CA GLY B 400 -12.58 4.21 -14.23
C GLY B 400 -13.91 3.91 -13.58
N SER B 401 -14.25 2.62 -13.55
CA SER B 401 -15.53 2.15 -13.04
C SER B 401 -15.32 1.31 -11.78
N ILE B 402 -16.06 1.62 -10.73
CA ILE B 402 -16.01 0.88 -9.47
C ILE B 402 -16.79 -0.42 -9.65
N PRO B 403 -16.27 -1.56 -9.17
CA PRO B 403 -17.01 -2.82 -9.33
C PRO B 403 -18.35 -2.82 -8.61
N LYS B 404 -18.36 -2.53 -7.31
CA LYS B 404 -19.57 -2.51 -6.51
C LYS B 404 -19.67 -1.20 -5.76
N THR B 405 -20.91 -0.79 -5.47
CA THR B 405 -21.13 0.43 -4.69
C THR B 405 -20.54 0.26 -3.30
N THR B 406 -19.87 1.31 -2.83
CA THR B 406 -19.15 1.26 -1.55
C THR B 406 -19.34 2.58 -0.83
N SER B 407 -18.98 2.59 0.45
CA SER B 407 -19.03 3.79 1.26
C SER B 407 -17.92 3.72 2.31
N PHE B 408 -17.47 4.89 2.74
CA PHE B 408 -16.44 4.96 3.78
C PHE B 408 -16.54 6.33 4.44
N THR B 409 -15.86 6.46 5.58
CA THR B 409 -15.92 7.68 6.38
C THR B 409 -14.53 8.14 6.79
N CYS B 410 -14.37 9.45 6.92
CA CYS B 410 -13.21 10.05 7.56
C CYS B 410 -13.71 11.01 8.62
N ILE B 411 -12.89 11.20 9.66
CA ILE B 411 -13.27 12.05 10.78
C ILE B 411 -12.27 13.20 10.86
N CYS B 412 -12.77 14.41 11.10
CA CYS B 412 -11.91 15.53 11.45
C CYS B 412 -12.31 16.04 12.83
N LYS B 413 -11.33 16.09 13.73
CA LYS B 413 -11.57 16.54 15.09
C LYS B 413 -10.83 17.85 15.34
N LYS B 414 -11.54 18.82 15.93
CA LYS B 414 -10.94 20.07 16.36
C LYS B 414 -11.42 20.34 17.77
N ASP B 415 -10.47 20.54 18.70
CA ASP B 415 -10.80 20.60 20.12
C ASP B 415 -11.56 19.34 20.52
N LYS B 416 -12.83 19.49 20.86
CA LYS B 416 -13.69 18.35 21.18
C LYS B 416 -14.79 18.13 20.16
N LYS B 417 -14.88 18.97 19.14
CA LYS B 417 -15.89 18.82 18.10
C LYS B 417 -15.40 17.89 16.98
N SER B 418 -16.34 17.17 16.39
CA SER B 418 -16.02 16.17 15.38
C SER B 418 -16.93 16.35 14.17
N ALA B 419 -16.35 16.10 12.99
CA ALA B 419 -17.07 16.15 11.73
C ALA B 419 -16.80 14.86 10.96
N TYR B 420 -17.87 14.19 10.57
CA TYR B 420 -17.80 12.90 9.88
C TYR B 420 -18.17 13.12 8.42
N MET B 421 -17.22 12.89 7.53
CA MET B 421 -17.48 12.95 6.10
C MET B 421 -17.63 11.53 5.57
N THR B 422 -18.77 11.24 4.97
CA THR B 422 -19.09 9.90 4.49
C THR B 422 -19.24 9.93 2.97
N VAL B 423 -18.36 9.24 2.27
CA VAL B 423 -18.44 9.12 0.82
C VAL B 423 -19.20 7.86 0.47
N THR B 424 -20.16 8.00 -0.44
CA THR B 424 -20.91 6.86 -0.99
C THR B 424 -20.75 6.89 -2.50
N ILE B 425 -19.93 5.97 -3.03
CA ILE B 425 -19.59 5.91 -4.43
C ILE B 425 -20.30 4.72 -5.04
N ASP B 426 -21.07 4.97 -6.10
CA ASP B 426 -21.85 3.91 -6.74
C ASP B 426 -21.00 3.05 -7.66
N ASP C 1 -42.59 8.77 13.77
CA ASP C 1 -42.18 9.71 14.80
C ASP C 1 -41.63 8.97 16.02
N ILE C 2 -40.39 9.31 16.40
CA ILE C 2 -39.76 8.66 17.54
C ILE C 2 -40.43 9.12 18.82
N GLN C 3 -40.76 8.17 19.70
CA GLN C 3 -41.41 8.45 20.97
C GLN C 3 -40.41 8.19 22.10
N MET C 4 -40.20 9.19 22.94
CA MET C 4 -39.34 9.05 24.12
C MET C 4 -40.17 9.11 25.39
N THR C 5 -39.78 8.30 26.37
CA THR C 5 -40.43 8.31 27.68
C THR C 5 -39.37 8.40 28.78
N GLN C 6 -39.77 9.01 29.89
CA GLN C 6 -38.89 9.21 31.03
C GLN C 6 -39.47 8.49 32.24
N SER C 7 -38.60 7.84 33.01
CA SER C 7 -39.04 7.04 34.13
C SER C 7 -38.11 7.27 35.32
N PRO C 8 -38.64 7.24 36.55
CA PRO C 8 -40.07 7.10 36.89
C PRO C 8 -40.80 8.44 36.91
N ALA C 9 -42.10 8.44 37.23
CA ALA C 9 -42.91 9.64 37.08
C ALA C 9 -42.45 10.75 38.02
N THR C 10 -42.35 10.44 39.32
CA THR C 10 -41.98 11.43 40.32
C THR C 10 -40.86 10.89 41.19
N LEU C 11 -40.04 11.81 41.71
CA LEU C 11 -38.86 11.44 42.47
C LEU C 11 -38.87 12.19 43.81
N SER C 12 -38.64 11.47 44.89
CA SER C 12 -38.53 12.05 46.23
C SER C 12 -37.31 11.46 46.92
N ALA C 13 -36.34 12.31 47.24
CA ALA C 13 -35.11 11.86 47.86
C ALA C 13 -34.60 12.93 48.80
N SER C 14 -33.75 12.52 49.74
CA SER C 14 -33.17 13.42 50.72
C SER C 14 -31.85 13.99 50.20
N VAL C 15 -31.37 15.03 50.88
CA VAL C 15 -30.14 15.69 50.47
C VAL C 15 -28.95 14.74 50.64
N GLY C 16 -28.11 14.67 49.62
CA GLY C 16 -26.92 13.84 49.66
C GLY C 16 -27.09 12.45 49.11
N ASP C 17 -28.15 12.18 48.37
CA ASP C 17 -28.40 10.86 47.82
C ASP C 17 -28.00 10.82 46.34
N ARG C 18 -27.96 9.61 45.76
CA ARG C 18 -27.65 9.44 44.34
C ARG C 18 -28.84 8.75 43.70
N VAL C 19 -29.37 9.34 42.62
CA VAL C 19 -30.60 8.86 42.00
C VAL C 19 -30.41 8.78 40.49
N THR C 20 -30.94 7.72 39.89
CA THR C 20 -30.83 7.50 38.45
C THR C 20 -32.18 7.67 37.79
N ILE C 21 -32.20 8.34 36.64
CA ILE C 21 -33.40 8.58 35.84
C ILE C 21 -33.21 7.90 34.49
N THR C 22 -34.18 7.08 34.10
CA THR C 22 -34.08 6.30 32.89
C THR C 22 -34.90 6.93 31.76
N CYS C 23 -34.45 6.71 30.52
CA CYS C 23 -35.09 7.23 29.34
C CYS C 23 -35.14 6.14 28.28
N ARG C 24 -36.30 5.97 27.66
CA ARG C 24 -36.51 4.96 26.63
C ARG C 24 -36.87 5.64 25.31
N ALA C 25 -36.28 5.14 24.23
CA ALA C 25 -36.51 5.64 22.88
C ALA C 25 -37.24 4.59 22.06
N SER C 26 -38.15 5.04 21.20
CA SER C 26 -38.92 4.12 20.37
C SER C 26 -38.03 3.44 19.33
N GLN C 27 -37.19 4.22 18.66
CA GLN C 27 -36.31 3.72 17.60
C GLN C 27 -34.86 3.92 17.99
N SER C 28 -33.96 3.64 17.04
CA SER C 28 -32.53 3.80 17.25
C SER C 28 -32.15 5.23 16.89
N ILE C 29 -31.76 6.02 17.90
CA ILE C 29 -31.35 7.40 17.69
C ILE C 29 -29.84 7.50 17.89
N SER C 30 -29.15 6.37 17.73
CA SER C 30 -27.71 6.28 17.93
C SER C 30 -27.35 6.76 19.34
N SER C 31 -26.46 7.76 19.41
CA SER C 31 -26.05 8.34 20.68
C SER C 31 -26.53 9.78 20.83
N TRP C 32 -27.57 10.17 20.09
CA TRP C 32 -28.07 11.54 20.10
C TRP C 32 -29.18 11.65 21.14
N LEU C 33 -28.92 12.38 22.21
CA LEU C 33 -29.91 12.58 23.27
C LEU C 33 -29.40 13.69 24.20
N ALA C 34 -30.35 14.42 24.78
CA ALA C 34 -30.05 15.56 25.63
C ALA C 34 -30.88 15.49 26.89
N TRP C 35 -30.25 15.85 28.01
CA TRP C 35 -30.89 15.90 29.31
C TRP C 35 -31.02 17.34 29.77
N TYR C 36 -32.27 17.73 30.08
CA TYR C 36 -32.61 19.09 30.47
C TYR C 36 -33.18 19.10 31.88
N GLN C 37 -32.95 20.20 32.59
CA GLN C 37 -33.63 20.48 33.84
C GLN C 37 -34.21 21.88 33.79
N GLN C 38 -35.43 22.04 34.32
CA GLN C 38 -36.14 23.31 34.27
C GLN C 38 -36.71 23.62 35.65
N LYS C 39 -36.39 24.80 36.17
CA LYS C 39 -37.03 25.26 37.38
C LYS C 39 -38.40 25.87 37.04
N PRO C 40 -39.36 25.79 37.96
CA PRO C 40 -40.72 26.26 37.67
C PRO C 40 -40.74 27.72 37.24
N GLY C 41 -41.22 27.95 36.02
CA GLY C 41 -41.32 29.29 35.47
C GLY C 41 -40.13 29.76 34.66
N GLU C 42 -39.06 28.97 34.58
CA GLU C 42 -37.86 29.35 33.86
C GLU C 42 -37.64 28.46 32.65
N ALA C 43 -36.80 28.91 31.74
CA ALA C 43 -36.50 28.14 30.55
C ALA C 43 -35.63 26.93 30.91
N PRO C 44 -35.83 25.79 30.25
CA PRO C 44 -35.00 24.61 30.52
C PRO C 44 -33.54 24.86 30.18
N LYS C 45 -32.68 24.09 30.84
CA LYS C 45 -31.23 24.23 30.69
C LYS C 45 -30.64 22.91 30.23
N LEU C 46 -29.64 22.98 29.35
CA LEU C 46 -29.02 21.80 28.77
C LEU C 46 -28.01 21.23 29.76
N LEU C 47 -28.48 20.33 30.62
CA LEU C 47 -27.59 19.66 31.56
C LEU C 47 -26.59 18.78 30.82
N ILE C 48 -27.08 17.91 29.94
CA ILE C 48 -26.25 16.94 29.24
C ILE C 48 -26.51 17.06 27.75
N TYR C 49 -25.45 17.30 26.98
CA TYR C 49 -25.57 17.54 25.55
C TYR C 49 -25.41 16.28 24.71
N LYS C 50 -25.09 15.15 25.33
CA LYS C 50 -24.97 13.89 24.60
C LYS C 50 -24.91 12.76 25.62
N ALA C 51 -25.53 11.64 25.27
CA ALA C 51 -25.52 10.48 26.16
C ALA C 51 -24.10 10.10 26.52
N SER C 52 -23.85 9.94 27.82
CA SER C 52 -22.52 9.71 28.37
C SER C 52 -21.58 10.89 28.05
N SER C 53 -22.05 12.08 28.44
CA SER C 53 -21.26 13.30 28.28
C SER C 53 -21.81 14.34 29.25
N LEU C 54 -21.08 15.45 29.38
CA LEU C 54 -21.46 16.52 30.29
C LEU C 54 -21.25 17.87 29.61
N GLN C 55 -22.19 18.78 29.86
CA GLN C 55 -22.11 20.12 29.30
C GLN C 55 -21.23 21.01 30.17
N SER C 56 -20.46 21.88 29.53
CA SER C 56 -19.62 22.82 30.26
C SER C 56 -20.47 23.77 31.09
N GLY C 57 -19.98 24.11 32.27
CA GLY C 57 -20.70 24.99 33.17
C GLY C 57 -21.63 24.31 34.14
N VAL C 58 -21.53 22.99 34.29
CA VAL C 58 -22.40 22.25 35.21
C VAL C 58 -21.52 21.54 36.23
N PRO C 59 -21.96 21.41 37.48
CA PRO C 59 -21.17 20.65 38.46
C PRO C 59 -21.02 19.20 38.05
N SER C 60 -19.91 18.60 38.47
CA SER C 60 -19.57 17.22 38.12
C SER C 60 -20.46 16.18 38.80
N ARG C 61 -21.48 16.57 39.55
CA ARG C 61 -22.36 15.58 40.19
C ARG C 61 -23.10 14.77 39.14
N PHE C 62 -23.68 15.43 38.14
CA PHE C 62 -24.46 14.75 37.12
C PHE C 62 -23.55 13.90 36.24
N SER C 63 -24.01 12.69 35.92
CA SER C 63 -23.26 11.78 35.07
C SER C 63 -24.20 11.16 34.04
N GLY C 64 -23.73 11.10 32.80
CA GLY C 64 -24.50 10.50 31.73
C GLY C 64 -24.10 9.06 31.46
N SER C 65 -25.08 8.18 31.29
CA SER C 65 -24.83 6.76 31.02
C SER C 65 -25.93 6.26 30.09
N GLY C 66 -25.62 6.15 28.81
CA GLY C 66 -26.58 5.66 27.85
C GLY C 66 -26.04 5.52 26.44
N SER C 67 -26.52 4.53 25.71
CA SER C 67 -26.18 4.35 24.30
C SER C 67 -27.17 3.37 23.70
N GLY C 68 -27.81 3.78 22.60
CA GLY C 68 -28.76 2.90 21.93
C GLY C 68 -30.21 3.19 22.26
N THR C 69 -30.85 2.28 22.99
CA THR C 69 -32.26 2.45 23.32
C THR C 69 -32.43 3.00 24.74
N LYS C 70 -31.81 2.34 25.71
CA LYS C 70 -31.91 2.76 27.10
C LYS C 70 -30.86 3.83 27.41
N PHE C 71 -31.26 4.85 28.16
CA PHE C 71 -30.35 5.90 28.60
C PHE C 71 -30.60 6.18 30.08
N SER C 72 -29.59 6.69 30.76
CA SER C 72 -29.72 6.97 32.18
C SER C 72 -28.87 8.17 32.57
N LEU C 73 -29.42 8.99 33.47
CA LEU C 73 -28.70 10.13 34.05
C LEU C 73 -28.69 9.96 35.56
N THR C 74 -27.50 10.04 36.16
CA THR C 74 -27.33 9.80 37.58
C THR C 74 -26.87 11.07 38.29
N ILE C 75 -27.52 11.38 39.41
CA ILE C 75 -27.13 12.50 40.26
C ILE C 75 -26.52 11.94 41.53
N SER C 76 -25.23 12.20 41.74
CA SER C 76 -24.54 11.85 42.97
C SER C 76 -24.55 13.07 43.89
N SER C 77 -25.00 12.85 45.12
CA SER C 77 -25.21 13.92 46.10
C SER C 77 -26.38 14.81 45.66
N LEU C 78 -26.87 15.65 46.57
CA LEU C 78 -28.00 16.49 46.25
C LEU C 78 -27.79 17.87 46.88
N GLN C 79 -28.46 18.87 46.32
CA GLN C 79 -28.36 20.24 46.79
C GLN C 79 -29.75 20.80 47.00
N PRO C 80 -29.90 21.76 47.91
CA PRO C 80 -31.24 22.37 48.11
C PRO C 80 -31.77 23.06 46.86
N ASP C 81 -30.89 23.51 45.97
CA ASP C 81 -31.29 24.19 44.75
C ASP C 81 -31.37 23.24 43.56
N ASP C 82 -31.59 21.95 43.81
CA ASP C 82 -31.68 20.95 42.76
C ASP C 82 -33.11 20.57 42.43
N PHE C 83 -34.09 21.27 42.97
CA PHE C 83 -35.49 20.99 42.67
C PHE C 83 -35.81 21.51 41.27
N ALA C 84 -36.38 20.65 40.44
CA ALA C 84 -36.66 21.02 39.05
C ALA C 84 -37.56 19.96 38.43
N THR C 85 -37.75 20.05 37.11
CA THR C 85 -38.39 19.01 36.32
C THR C 85 -37.45 18.66 35.18
N PHE C 86 -37.32 17.37 34.89
CA PHE C 86 -36.33 16.92 33.93
C PHE C 86 -36.97 16.68 32.56
N TYR C 87 -36.14 16.63 31.52
CA TYR C 87 -36.61 16.49 30.15
C TYR C 87 -35.63 15.73 29.28
N CYS C 88 -35.99 14.50 28.90
CA CYS C 88 -35.17 13.71 27.98
C CYS C 88 -35.59 13.96 26.54
N GLN C 89 -34.63 14.26 25.67
CA GLN C 89 -34.94 14.64 24.30
C GLN C 89 -33.98 13.96 23.33
N GLN C 90 -34.42 13.78 22.08
CA GLN C 90 -33.59 13.21 21.02
C GLN C 90 -33.42 14.22 19.90
N TYR C 91 -32.19 14.64 19.66
CA TYR C 91 -31.87 15.58 18.59
C TYR C 91 -31.32 14.83 17.38
N HIS C 92 -32.06 13.82 16.94
CA HIS C 92 -31.59 12.97 15.85
C HIS C 92 -32.33 13.18 14.55
N SER C 93 -33.65 13.37 14.58
CA SER C 93 -34.43 13.57 13.37
C SER C 93 -35.69 14.34 13.73
N TYR C 94 -36.08 15.26 12.86
CA TYR C 94 -37.31 16.01 13.07
C TYR C 94 -38.50 15.05 13.03
N PRO C 95 -39.51 15.25 13.89
CA PRO C 95 -39.63 16.30 14.92
C PRO C 95 -38.85 15.96 16.19
N TYR C 96 -38.58 16.97 17.03
CA TYR C 96 -37.89 16.73 18.28
C TYR C 96 -38.89 16.24 19.33
N THR C 97 -38.57 15.11 19.96
CA THR C 97 -39.45 14.49 20.94
C THR C 97 -38.87 14.67 22.34
N PHE C 98 -39.69 15.14 23.26
CA PHE C 98 -39.29 15.35 24.65
C PHE C 98 -39.97 14.35 25.55
N GLY C 99 -39.25 13.91 26.58
CA GLY C 99 -39.82 13.00 27.55
C GLY C 99 -40.85 13.69 28.44
N GLN C 100 -41.64 12.86 29.14
CA GLN C 100 -42.65 13.40 30.04
C GLN C 100 -42.01 14.14 31.20
N GLY C 101 -40.98 13.56 31.80
CA GLY C 101 -40.23 14.29 32.81
C GLY C 101 -40.50 13.81 34.22
N THR C 102 -39.53 14.02 35.09
CA THR C 102 -39.60 13.68 36.51
C THR C 102 -39.45 14.95 37.33
N LYS C 103 -39.97 14.91 38.55
CA LYS C 103 -39.93 16.04 39.48
C LYS C 103 -38.89 15.77 40.56
N LEU C 104 -37.94 16.68 40.69
CA LEU C 104 -36.89 16.61 41.71
C LEU C 104 -37.22 17.61 42.80
N GLU C 105 -37.47 17.12 44.02
CA GLU C 105 -37.78 17.96 45.15
C GLU C 105 -37.00 17.46 46.37
N ILE C 106 -36.77 18.38 47.30
CA ILE C 106 -35.94 18.10 48.48
C ILE C 106 -36.84 17.62 49.61
N LYS C 107 -36.50 16.47 50.19
CA LYS C 107 -37.22 15.93 51.33
C LYS C 107 -36.33 14.99 52.14
N GLN D 1 -22.08 35.35 23.19
CA GLN D 1 -23.21 35.04 24.05
C GLN D 1 -24.53 35.26 23.34
N LEU D 2 -24.93 34.28 22.53
CA LEU D 2 -26.18 34.36 21.81
C LEU D 2 -27.37 34.31 22.78
N GLN D 3 -28.41 35.08 22.47
CA GLN D 3 -29.63 35.09 23.26
C GLN D 3 -30.83 35.21 22.33
N LEU D 4 -31.94 34.61 22.74
CA LEU D 4 -33.19 34.67 22.00
C LEU D 4 -34.27 35.31 22.86
N GLN D 5 -34.92 36.33 22.35
CA GLN D 5 -35.97 37.03 23.08
C GLN D 5 -37.28 36.95 22.29
N GLU D 6 -38.34 36.49 22.94
CA GLU D 6 -39.63 36.35 22.27
C GLU D 6 -40.39 37.67 22.28
N SER D 7 -41.39 37.75 21.39
CA SER D 7 -42.31 38.88 21.39
C SER D 7 -43.59 38.44 20.70
N GLY D 8 -44.73 38.89 21.23
CA GLY D 8 -46.01 38.55 20.67
C GLY D 8 -47.16 38.95 21.57
N PRO D 9 -48.38 38.56 21.19
CA PRO D 9 -49.56 38.91 21.98
C PRO D 9 -49.72 38.01 23.19
N GLY D 10 -50.16 38.61 24.29
CA GLY D 10 -50.46 37.85 25.50
C GLY D 10 -51.82 37.20 25.51
N LEU D 11 -52.71 37.61 24.61
CA LEU D 11 -54.03 37.01 24.50
C LEU D 11 -54.56 37.23 23.10
N VAL D 12 -55.24 36.22 22.56
CA VAL D 12 -55.82 36.29 21.23
C VAL D 12 -57.23 35.72 21.29
N LYS D 13 -58.08 36.19 20.39
CA LYS D 13 -59.45 35.69 20.32
C LYS D 13 -59.45 34.29 19.73
N PRO D 14 -60.34 33.40 20.20
CA PRO D 14 -60.39 32.04 19.65
C PRO D 14 -60.78 32.07 18.17
N SER D 15 -60.32 31.04 17.46
CA SER D 15 -60.54 30.91 16.02
C SER D 15 -59.94 32.10 15.26
N GLU D 16 -58.63 32.27 15.46
CA GLU D 16 -57.88 33.35 14.83
C GLU D 16 -56.46 32.85 14.60
N THR D 17 -55.55 33.79 14.29
CA THR D 17 -54.16 33.47 14.07
C THR D 17 -53.36 33.69 15.35
N LEU D 18 -52.03 33.56 15.22
CA LEU D 18 -51.12 33.75 16.34
C LEU D 18 -49.75 34.04 15.75
N SER D 19 -49.27 35.27 15.92
CA SER D 19 -48.01 35.70 15.33
C SER D 19 -47.02 36.06 16.43
N LEU D 20 -45.88 35.38 16.43
CA LEU D 20 -44.80 35.65 17.38
C LEU D 20 -43.51 35.85 16.60
N THR D 21 -42.61 36.65 17.17
CA THR D 21 -41.32 36.91 16.56
C THR D 21 -40.22 36.80 17.61
N CYS D 22 -39.15 36.11 17.26
CA CYS D 22 -38.00 35.95 18.15
C CYS D 22 -36.83 36.74 17.59
N THR D 23 -36.20 37.54 18.45
CA THR D 23 -35.05 38.34 18.09
C THR D 23 -33.79 37.69 18.65
N VAL D 24 -32.76 37.59 17.82
CA VAL D 24 -31.49 37.01 18.20
C VAL D 24 -30.52 38.14 18.52
N SER D 25 -29.85 38.05 19.66
CA SER D 25 -28.92 39.07 20.11
C SER D 25 -27.56 38.43 20.39
N GLY D 26 -26.51 39.21 20.16
CA GLY D 26 -25.16 38.73 20.35
C GLY D 26 -24.57 38.14 19.10
N GLY D 27 -25.24 37.14 18.54
CA GLY D 27 -24.81 36.49 17.31
C GLY D 27 -25.55 37.00 16.09
N SER D 28 -25.67 36.11 15.10
CA SER D 28 -26.37 36.44 13.86
C SER D 28 -26.92 35.17 13.27
N ILE D 29 -27.84 35.33 12.32
CA ILE D 29 -28.49 34.20 11.67
C ILE D 29 -28.15 34.09 10.19
N SER D 30 -27.56 35.12 9.59
CA SER D 30 -27.26 35.07 8.16
C SER D 30 -26.21 34.02 7.85
N ARG D 31 -25.25 33.83 8.76
CA ARG D 31 -24.14 32.91 8.50
C ARG D 31 -24.11 31.78 9.53
N SER D 32 -25.25 31.17 9.81
CA SER D 32 -25.34 30.12 10.79
C SER D 32 -25.81 28.82 10.14
N PRO D 33 -25.18 27.69 10.44
CA PRO D 33 -25.65 26.41 9.90
C PRO D 33 -26.67 25.77 10.81
N TYR D 34 -27.16 26.55 11.78
CA TYR D 34 -28.08 26.07 12.78
C TYR D 34 -29.52 26.38 12.39
N TYR D 35 -30.40 25.42 12.57
CA TYR D 35 -31.82 25.66 12.37
C TYR D 35 -32.42 26.31 13.61
N TRP D 36 -33.53 27.01 13.42
CA TRP D 36 -34.20 27.74 14.49
C TRP D 36 -35.66 27.33 14.52
N GLY D 37 -36.12 26.88 15.70
CA GLY D 37 -37.44 26.28 15.79
C GLY D 37 -38.21 26.77 17.00
N TRP D 38 -39.44 26.32 17.09
CA TRP D 38 -40.38 26.70 18.14
C TRP D 38 -40.79 25.47 18.94
N ILE D 39 -40.88 25.64 20.26
CA ILE D 39 -41.35 24.59 21.16
C ILE D 39 -42.46 25.16 22.03
N ARG D 40 -43.54 24.41 22.17
CA ARG D 40 -44.72 24.88 22.89
C ARG D 40 -44.93 24.05 24.15
N GLN D 41 -45.12 24.72 25.28
CA GLN D 41 -45.39 24.03 26.54
C GLN D 41 -46.68 24.55 27.15
N PRO D 42 -47.78 23.80 27.07
CA PRO D 42 -48.97 24.17 27.83
C PRO D 42 -48.70 24.02 29.32
N PRO D 43 -49.34 24.85 30.15
CA PRO D 43 -49.11 24.76 31.60
C PRO D 43 -49.49 23.39 32.13
N GLY D 44 -48.67 22.90 33.07
CA GLY D 44 -48.90 21.58 33.62
C GLY D 44 -48.65 20.44 32.66
N LYS D 45 -47.83 20.66 31.62
CA LYS D 45 -47.56 19.65 30.62
C LYS D 45 -46.10 19.71 30.22
N GLY D 46 -45.70 18.76 29.37
CA GLY D 46 -44.35 18.72 28.84
C GLY D 46 -44.14 19.70 27.71
N LEU D 47 -43.24 19.36 26.81
CA LEU D 47 -42.89 20.21 25.69
C LEU D 47 -43.33 19.56 24.37
N GLU D 48 -43.81 20.39 23.45
CA GLU D 48 -44.19 19.94 22.12
C GLU D 48 -43.47 20.79 21.09
N TRP D 49 -42.98 20.15 20.03
CA TRP D 49 -42.12 20.78 19.04
C TRP D 49 -42.95 21.33 17.89
N PHE D 50 -42.58 22.54 17.42
CA PHE D 50 -43.33 23.28 16.39
C PHE D 50 -42.35 23.74 15.30
N GLY D 51 -41.96 22.82 14.41
CA GLY D 51 -41.23 23.17 13.20
C GLY D 51 -39.87 23.85 13.37
N SER D 52 -39.19 24.09 12.26
CA SER D 52 -37.95 24.86 12.23
C SER D 52 -37.63 25.15 10.78
N ILE D 53 -37.12 26.34 10.50
CA ILE D 53 -36.78 26.70 9.12
C ILE D 53 -35.38 27.31 9.09
N TYR D 54 -34.60 26.87 8.11
CA TYR D 54 -33.21 27.26 7.90
C TYR D 54 -33.10 28.75 7.64
N ASN D 55 -31.87 29.28 7.71
CA ASN D 55 -31.69 30.72 7.56
C ASN D 55 -32.01 31.18 6.14
N ASN D 56 -31.66 30.39 5.13
CA ASN D 56 -31.93 30.79 3.76
C ASN D 56 -33.40 30.67 3.38
N GLY D 57 -34.22 30.02 4.20
CA GLY D 57 -35.65 30.01 3.95
C GLY D 57 -36.25 28.64 3.68
N SER D 58 -35.67 27.58 4.24
CA SER D 58 -36.25 26.27 4.10
C SER D 58 -37.55 26.18 4.92
N THR D 59 -38.13 24.98 4.95
CA THR D 59 -39.37 24.74 5.69
C THR D 59 -39.39 23.31 6.20
N TYR D 60 -39.43 23.14 7.51
CA TYR D 60 -39.65 21.84 8.13
C TYR D 60 -40.63 22.01 9.27
N TYR D 61 -41.69 21.20 9.29
CA TYR D 61 -42.76 21.31 10.28
C TYR D 61 -43.01 19.94 10.89
N ASN D 62 -43.88 19.93 11.90
CA ASN D 62 -44.36 18.69 12.49
C ASN D 62 -45.22 17.95 11.46
N PRO D 63 -45.05 16.64 11.31
CA PRO D 63 -45.80 15.89 10.28
C PRO D 63 -47.31 16.07 10.40
N PRO D 64 -47.89 16.09 11.60
CA PRO D 64 -49.32 16.41 11.70
C PRO D 64 -49.64 17.90 11.77
N LEU D 65 -48.66 18.77 11.57
CA LEU D 65 -48.85 20.21 11.70
C LEU D 65 -48.20 20.93 10.52
N LYS D 66 -48.51 20.47 9.30
CA LYS D 66 -48.03 21.14 8.10
C LYS D 66 -49.12 21.95 7.42
N SER D 67 -50.26 22.16 8.08
CA SER D 67 -51.41 22.76 7.45
C SER D 67 -51.57 24.25 7.72
N ARG D 68 -51.14 24.72 8.88
CA ARG D 68 -51.41 26.11 9.25
C ARG D 68 -50.17 26.93 9.56
N LEU D 69 -49.18 26.37 10.25
CA LEU D 69 -48.03 27.16 10.67
C LEU D 69 -47.16 27.57 9.49
N THR D 70 -46.66 28.80 9.56
CA THR D 70 -45.63 29.29 8.66
C THR D 70 -44.53 29.94 9.49
N ILE D 71 -43.29 29.82 9.04
CA ILE D 71 -42.14 30.33 9.78
C ILE D 71 -41.23 31.05 8.79
N SER D 72 -40.72 32.21 9.20
CA SER D 72 -39.94 33.05 8.29
C SER D 72 -38.82 33.77 9.01
N VAL D 73 -37.61 33.68 8.46
CA VAL D 73 -36.46 34.43 8.95
C VAL D 73 -36.34 35.77 8.21
N ASP D 74 -36.09 36.85 8.94
CA ASP D 74 -35.64 38.10 8.34
C ASP D 74 -34.24 38.34 8.86
N THR D 75 -33.25 38.24 7.97
CA THR D 75 -31.86 38.38 8.38
C THR D 75 -31.48 39.83 8.63
N SER D 76 -32.18 40.77 8.01
CA SER D 76 -31.84 42.19 8.17
C SER D 76 -31.97 42.63 9.62
N LYS D 77 -33.07 42.25 10.27
CA LYS D 77 -33.26 42.51 11.69
C LYS D 77 -32.81 41.35 12.57
N ASN D 78 -32.32 40.26 11.96
CA ASN D 78 -31.84 39.09 12.68
C ASN D 78 -32.94 38.51 13.58
N GLN D 79 -34.11 38.30 12.99
CA GLN D 79 -35.26 37.79 13.71
C GLN D 79 -35.89 36.65 12.92
N PHE D 80 -36.82 35.93 13.55
CA PHE D 80 -37.59 34.95 12.82
C PHE D 80 -38.93 34.72 13.53
N SER D 81 -39.98 34.54 12.73
CA SER D 81 -41.34 34.62 13.22
C SER D 81 -42.13 33.37 12.87
N LEU D 82 -43.09 33.06 13.74
CA LEU D 82 -44.01 31.95 13.59
C LEU D 82 -45.44 32.48 13.55
N LYS D 83 -46.21 32.04 12.55
CA LYS D 83 -47.62 32.37 12.41
C LYS D 83 -48.41 31.07 12.38
N LEU D 84 -49.21 30.85 13.42
CA LEU D 84 -50.04 29.66 13.54
C LEU D 84 -51.50 30.08 13.53
N SER D 85 -52.24 29.64 12.52
CA SER D 85 -53.61 30.06 12.34
C SER D 85 -54.58 29.06 12.99
N SER D 86 -55.83 29.51 13.14
CA SER D 86 -56.91 28.69 13.70
C SER D 86 -56.56 28.20 15.10
N VAL D 87 -56.40 29.16 16.03
CA VAL D 87 -56.11 28.81 17.40
C VAL D 87 -57.31 28.11 18.04
N THR D 88 -57.04 27.38 19.11
CA THR D 88 -58.02 26.56 19.80
C THR D 88 -57.90 26.82 21.29
N ALA D 89 -59.00 26.59 22.03
CA ALA D 89 -58.99 26.81 23.47
C ALA D 89 -57.90 26.00 24.16
N ALA D 90 -57.47 24.89 23.56
CA ALA D 90 -56.37 24.09 24.10
C ALA D 90 -55.02 24.48 23.52
N ASP D 91 -54.88 25.72 23.05
CA ASP D 91 -53.61 26.20 22.51
C ASP D 91 -52.91 27.21 23.41
N THR D 92 -53.43 27.45 24.61
CA THR D 92 -52.71 28.26 25.59
C THR D 92 -51.43 27.55 25.99
N ALA D 93 -50.33 28.32 26.04
CA ALA D 93 -49.02 27.73 26.32
C ALA D 93 -47.98 28.83 26.38
N VAL D 94 -46.78 28.45 26.83
CA VAL D 94 -45.60 29.30 26.77
C VAL D 94 -44.74 28.82 25.61
N TYR D 95 -44.23 29.76 24.82
CA TYR D 95 -43.54 29.47 23.58
C TYR D 95 -42.04 29.76 23.73
N TYR D 96 -41.22 28.75 23.50
CA TYR D 96 -39.77 28.85 23.60
C TYR D 96 -39.17 28.81 22.21
N CYS D 97 -38.21 29.69 21.95
CA CYS D 97 -37.46 29.66 20.71
C CYS D 97 -36.15 28.91 20.94
N ALA D 98 -35.91 27.88 20.13
CA ALA D 98 -34.72 27.06 20.28
C ALA D 98 -33.84 27.18 19.05
N ARG D 99 -32.53 27.10 19.28
CA ARG D 99 -31.52 27.12 18.23
C ARG D 99 -30.91 25.72 18.20
N HIS D 100 -31.33 24.90 17.25
CA HIS D 100 -30.99 23.49 17.23
C HIS D 100 -30.54 23.07 15.84
N GLY D 101 -29.76 22.00 15.80
CA GLY D 101 -29.28 21.49 14.53
C GLY D 101 -30.33 20.72 13.78
N GLY D 102 -29.98 20.32 12.57
CA GLY D 102 -30.91 19.64 11.68
C GLY D 102 -31.08 18.18 12.02
N SER D 103 -31.68 17.45 11.08
CA SER D 103 -31.95 16.04 11.23
C SER D 103 -30.76 15.22 10.72
N THR D 104 -30.95 13.91 10.58
CA THR D 104 -29.92 13.03 10.05
C THR D 104 -30.13 12.67 8.59
N GLY D 105 -31.26 13.05 8.00
CA GLY D 105 -31.55 12.64 6.64
C GLY D 105 -30.89 13.48 5.56
N MET D 106 -30.54 14.73 5.88
CA MET D 106 -30.01 15.60 4.85
C MET D 106 -28.56 15.24 4.50
N LYS D 107 -28.13 15.72 3.33
CA LYS D 107 -26.78 15.48 2.86
C LYS D 107 -25.76 16.12 3.79
N VAL D 108 -25.83 17.45 3.94
CA VAL D 108 -24.95 18.21 4.81
C VAL D 108 -25.82 18.85 5.89
N VAL D 109 -25.47 18.59 7.16
CA VAL D 109 -26.34 18.96 8.27
C VAL D 109 -25.50 19.15 9.53
N VAL D 110 -26.04 19.90 10.48
CA VAL D 110 -25.49 20.01 11.83
C VAL D 110 -26.46 19.33 12.77
N ILE D 111 -25.93 18.50 13.67
CA ILE D 111 -26.73 17.79 14.65
C ILE D 111 -26.32 18.26 16.04
N ALA D 112 -27.27 18.80 16.79
CA ALA D 112 -26.99 19.39 18.09
C ALA D 112 -28.30 19.48 18.86
N PRO D 113 -28.24 19.54 20.19
CA PRO D 113 -29.45 19.75 20.98
C PRO D 113 -29.90 21.20 20.91
N PRO D 114 -31.14 21.49 21.25
CA PRO D 114 -31.56 22.90 21.34
C PRO D 114 -30.93 23.60 22.52
N ASP D 115 -29.94 24.46 22.25
CA ASP D 115 -29.30 25.27 23.27
C ASP D 115 -29.70 26.72 23.08
N TYR D 116 -29.44 27.53 24.11
CA TYR D 116 -29.75 28.96 24.09
C TYR D 116 -31.24 29.19 23.82
N TRP D 117 -32.07 28.69 24.73
CA TRP D 117 -33.50 28.87 24.61
C TRP D 117 -33.88 30.33 24.85
N GLY D 118 -35.09 30.67 24.43
CA GLY D 118 -35.68 31.95 24.77
C GLY D 118 -36.32 31.91 26.15
N GLN D 119 -36.55 33.10 26.69
CA GLN D 119 -37.19 33.21 28.00
C GLN D 119 -38.59 32.60 27.99
N GLY D 120 -39.35 32.83 26.93
CA GLY D 120 -40.69 32.28 26.83
C GLY D 120 -41.76 33.34 27.05
N THR D 121 -42.82 33.28 26.24
CA THR D 121 -43.94 34.19 26.37
C THR D 121 -45.21 33.37 26.47
N LEU D 122 -46.21 33.92 27.16
CA LEU D 122 -47.45 33.20 27.39
C LEU D 122 -48.52 33.66 26.41
N VAL D 123 -49.12 32.71 25.70
CA VAL D 123 -50.22 32.98 24.78
C VAL D 123 -51.44 32.22 25.27
N THR D 124 -52.55 32.94 25.44
CA THR D 124 -53.77 32.36 26.00
C THR D 124 -54.91 32.50 25.00
N VAL D 125 -55.79 31.50 24.99
CA VAL D 125 -56.99 31.48 24.17
C VAL D 125 -58.15 31.21 25.13
N SER D 126 -58.80 32.27 25.58
CA SER D 126 -59.85 32.18 26.60
C SER D 126 -61.17 32.63 25.99
N SER D 127 -62.20 32.68 26.83
CA SER D 127 -63.54 33.07 26.40
C SER D 127 -63.57 34.49 25.85
N GLU E 1 23.24 -30.60 -8.35
CA GLU E 1 23.51 -29.42 -9.17
C GLU E 1 23.33 -29.72 -10.66
N GLU E 2 22.61 -28.86 -11.35
CA GLU E 2 22.38 -29.04 -12.78
C GLU E 2 23.69 -28.83 -13.55
N GLN E 3 23.99 -29.75 -14.45
CA GLN E 3 25.22 -29.67 -15.24
C GLN E 3 25.06 -30.50 -16.50
N LEU E 4 26.05 -30.39 -17.38
CA LEU E 4 26.08 -31.13 -18.64
C LEU E 4 27.41 -31.83 -18.77
N VAL E 5 27.38 -33.08 -19.24
CA VAL E 5 28.58 -33.86 -19.48
C VAL E 5 28.53 -34.43 -20.89
N GLU E 6 29.66 -34.39 -21.59
CA GLU E 6 29.73 -34.85 -22.97
C GLU E 6 30.83 -35.89 -23.14
N SER E 7 30.67 -36.70 -24.19
CA SER E 7 31.60 -37.77 -24.50
C SER E 7 31.58 -38.02 -26.00
N GLY E 8 32.44 -38.93 -26.44
CA GLY E 8 32.53 -39.31 -27.84
C GLY E 8 33.71 -38.74 -28.58
N GLY E 9 34.37 -37.73 -28.02
CA GLY E 9 35.53 -37.16 -28.67
C GLY E 9 36.73 -38.07 -28.63
N GLY E 10 37.69 -37.79 -29.49
CA GLY E 10 38.90 -38.59 -29.56
C GLY E 10 39.66 -38.31 -30.84
N LEU E 11 40.50 -39.27 -31.21
CA LEU E 11 41.32 -39.19 -32.41
C LEU E 11 40.66 -40.00 -33.51
N VAL E 12 40.45 -39.37 -34.67
CA VAL E 12 39.84 -40.07 -35.80
C VAL E 12 40.46 -39.57 -37.09
N LYS E 13 40.67 -40.48 -38.03
CA LYS E 13 41.30 -40.12 -39.30
C LYS E 13 40.36 -39.23 -40.11
N PRO E 14 40.92 -38.35 -40.95
CA PRO E 14 40.08 -37.49 -41.78
C PRO E 14 39.20 -38.30 -42.73
N GLY E 15 38.01 -37.76 -43.00
CA GLY E 15 37.10 -38.40 -43.93
C GLY E 15 36.21 -39.48 -43.34
N ARG E 16 36.23 -39.65 -42.03
CA ARG E 16 35.40 -40.64 -41.36
C ARG E 16 34.18 -39.95 -40.75
N SER E 17 33.42 -40.70 -39.95
CA SER E 17 32.22 -40.19 -39.30
C SER E 17 32.37 -40.30 -37.79
N LEU E 18 32.01 -39.24 -37.08
CA LEU E 18 32.12 -39.17 -35.64
C LEU E 18 30.75 -38.91 -35.02
N ARG E 19 30.64 -39.15 -33.71
CA ARG E 19 29.38 -38.97 -33.00
C ARG E 19 29.69 -38.41 -31.62
N LEU E 20 29.47 -37.11 -31.44
CA LEU E 20 29.59 -36.50 -30.12
C LEU E 20 28.25 -36.61 -29.40
N SER E 21 28.29 -36.93 -28.11
CA SER E 21 27.10 -37.07 -27.29
C SER E 21 27.18 -36.12 -26.11
N CYS E 22 26.03 -35.56 -25.72
CA CYS E 22 25.92 -34.66 -24.60
C CYS E 22 24.71 -35.07 -23.77
N SER E 23 24.83 -34.96 -22.45
CA SER E 23 23.73 -35.32 -21.57
C SER E 23 23.64 -34.30 -20.44
N ALA E 24 22.42 -34.13 -19.93
CA ALA E 24 22.13 -33.17 -18.88
C ALA E 24 21.77 -33.92 -17.61
N SER E 25 22.44 -33.59 -16.51
CA SER E 25 22.19 -34.19 -15.22
C SER E 25 21.62 -33.12 -14.28
N GLY E 26 20.52 -33.45 -13.61
CA GLY E 26 19.91 -32.56 -12.66
C GLY E 26 18.72 -31.76 -13.17
N PHE E 27 18.34 -31.94 -14.41
CA PHE E 27 17.19 -31.24 -15.00
C PHE E 27 16.82 -31.93 -16.31
N THR E 28 15.93 -31.32 -17.07
CA THR E 28 15.47 -31.86 -18.34
C THR E 28 15.91 -30.95 -19.48
N LEU E 29 16.36 -31.54 -20.57
CA LEU E 29 16.85 -30.81 -21.73
C LEU E 29 15.76 -30.48 -22.74
N GLY E 30 14.51 -30.85 -22.46
CA GLY E 30 13.44 -30.60 -23.41
C GLY E 30 12.98 -29.16 -23.48
N ASP E 31 13.25 -28.37 -22.45
CA ASP E 31 12.84 -26.97 -22.42
C ASP E 31 13.92 -26.02 -22.90
N TYR E 32 15.06 -26.53 -23.36
CA TYR E 32 16.18 -25.69 -23.77
C TYR E 32 16.70 -26.14 -25.12
N ALA E 33 17.08 -25.17 -25.94
CA ALA E 33 17.61 -25.43 -27.27
C ALA E 33 19.12 -25.64 -27.17
N VAL E 34 19.57 -26.83 -27.55
CA VAL E 34 20.98 -27.18 -27.38
C VAL E 34 21.80 -26.53 -28.49
N THR E 35 22.81 -25.77 -28.09
CA THR E 35 23.70 -25.13 -29.04
C THR E 35 25.09 -25.73 -28.89
N TRP E 36 25.57 -26.36 -29.95
CA TRP E 36 26.90 -26.97 -29.97
C TRP E 36 27.89 -25.94 -30.48
N PHE E 37 28.80 -25.52 -29.60
CA PHE E 37 29.90 -24.63 -29.91
C PHE E 37 31.20 -25.40 -29.95
N ARG E 38 32.23 -24.79 -30.55
CA ARG E 38 33.55 -25.39 -30.56
C ARG E 38 34.60 -24.31 -30.36
N GLN E 39 35.75 -24.73 -29.84
CA GLN E 39 36.85 -23.82 -29.54
C GLN E 39 38.15 -24.48 -29.96
N ALA E 40 38.94 -23.78 -30.77
CA ALA E 40 40.17 -24.33 -31.32
C ALA E 40 41.31 -23.35 -31.14
N SER E 41 42.47 -23.86 -30.70
CA SER E 41 43.71 -23.09 -30.60
C SER E 41 43.54 -21.85 -29.73
N GLY E 42 42.79 -22.00 -28.64
CA GLY E 42 42.61 -20.91 -27.69
C GLY E 42 41.93 -19.68 -28.27
N LYS E 43 40.89 -19.90 -29.07
CA LYS E 43 40.09 -18.82 -29.64
C LYS E 43 38.74 -18.77 -28.93
N GLU E 44 37.93 -17.79 -29.30
CA GLU E 44 36.59 -17.71 -28.75
C GLU E 44 35.74 -18.86 -29.28
N PRO E 45 34.74 -19.30 -28.51
CA PRO E 45 33.85 -20.35 -29.02
C PRO E 45 33.17 -19.91 -30.30
N GLU E 46 33.11 -20.82 -31.25
CA GLU E 46 32.53 -20.57 -32.57
C GLU E 46 31.32 -21.47 -32.76
N TRP E 47 30.21 -20.87 -33.22
CA TRP E 47 28.98 -21.62 -33.37
C TRP E 47 29.15 -22.74 -34.40
N VAL E 48 28.74 -23.94 -34.02
CA VAL E 48 28.77 -25.10 -34.90
C VAL E 48 27.37 -25.55 -35.27
N GLY E 49 26.48 -25.65 -34.30
CA GLY E 49 25.12 -26.06 -34.58
C GLY E 49 24.16 -25.61 -33.51
N VAL E 50 22.88 -25.56 -33.88
CA VAL E 50 21.80 -25.27 -32.94
C VAL E 50 20.63 -26.19 -33.25
N ILE E 51 20.08 -26.82 -32.21
CA ILE E 51 18.83 -27.58 -32.31
C ILE E 51 17.85 -26.97 -31.32
N ARG E 52 16.65 -26.70 -31.80
CA ARG E 52 15.69 -25.86 -31.08
C ARG E 52 14.69 -26.73 -30.32
N THR E 53 13.79 -26.06 -29.60
CA THR E 53 12.83 -26.72 -28.74
C THR E 53 11.77 -27.44 -29.57
N LYS E 54 11.10 -28.40 -28.94
CA LYS E 54 9.98 -29.08 -29.59
C LYS E 54 8.87 -28.09 -29.92
N ASP E 55 8.62 -27.13 -29.03
CA ASP E 55 7.64 -26.10 -29.27
C ASP E 55 7.95 -25.25 -30.50
N GLU E 56 9.24 -25.09 -30.84
CA GLU E 56 9.65 -24.31 -32.01
C GLU E 56 9.87 -25.19 -33.23
N GLY E 57 9.17 -26.31 -33.32
CA GLY E 57 9.27 -27.17 -34.49
C GLY E 57 10.37 -28.21 -34.40
N GLY E 58 11.58 -27.77 -34.11
CA GLY E 58 12.72 -28.68 -34.06
C GLY E 58 13.72 -28.37 -35.16
N THR E 59 13.76 -27.11 -35.56
CA THR E 59 14.65 -26.69 -36.64
C THR E 59 16.10 -26.81 -36.23
N THR E 60 16.96 -27.11 -37.20
CA THR E 60 18.40 -27.19 -37.00
C THR E 60 19.08 -26.11 -37.81
N GLU E 61 20.05 -25.44 -37.21
CA GLU E 61 20.83 -24.43 -37.90
C GLU E 61 22.31 -24.73 -37.75
N TYR E 62 23.08 -24.35 -38.78
CA TYR E 62 24.51 -24.62 -38.80
C TYR E 62 25.25 -23.43 -39.38
N ALA E 63 26.53 -23.33 -39.04
CA ALA E 63 27.38 -22.31 -39.62
C ALA E 63 27.70 -22.67 -41.07
N ALA E 64 28.21 -21.68 -41.80
CA ALA E 64 28.53 -21.90 -43.22
C ALA E 64 29.64 -22.93 -43.39
N SER E 65 30.65 -22.89 -42.50
CA SER E 65 31.81 -23.75 -42.66
C SER E 65 31.47 -25.24 -42.50
N VAL E 66 30.35 -25.57 -41.85
CA VAL E 66 29.98 -26.95 -41.60
C VAL E 66 28.59 -27.27 -42.14
N LYS E 67 28.00 -26.38 -42.92
CA LYS E 67 26.65 -26.59 -43.42
C LYS E 67 26.61 -27.79 -44.37
N GLY E 68 25.61 -28.64 -44.19
CA GLY E 68 25.41 -29.78 -45.06
C GLY E 68 26.09 -31.06 -44.64
N ARG E 69 26.93 -31.03 -43.59
CA ARG E 69 27.59 -32.23 -43.09
C ARG E 69 27.13 -32.59 -41.68
N PHE E 70 27.25 -31.66 -40.74
CA PHE E 70 26.92 -31.96 -39.35
C PHE E 70 25.41 -32.05 -39.17
N SER E 71 24.97 -33.03 -38.39
CA SER E 71 23.54 -33.25 -38.14
C SER E 71 23.31 -33.38 -36.65
N ILE E 72 22.41 -32.57 -36.10
CA ILE E 72 22.12 -32.60 -34.67
C ILE E 72 20.84 -33.38 -34.44
N LEU E 73 20.87 -34.27 -33.45
CA LEU E 73 19.70 -35.04 -33.04
C LEU E 73 19.48 -34.87 -31.55
N ARG E 74 18.23 -34.99 -31.12
CA ARG E 74 17.88 -34.90 -29.71
C ARG E 74 16.96 -36.04 -29.31
N ASP E 75 17.00 -36.38 -28.03
CA ASP E 75 16.11 -37.38 -27.43
C ASP E 75 15.68 -36.80 -26.08
N ASP E 76 14.51 -36.15 -26.07
CA ASP E 76 13.99 -35.59 -24.84
C ASP E 76 13.59 -36.69 -23.86
N SER E 77 13.25 -37.88 -24.38
CA SER E 77 12.90 -38.98 -23.51
C SER E 77 14.06 -39.36 -22.60
N LYS E 78 15.28 -39.39 -23.15
CA LYS E 78 16.48 -39.61 -22.37
C LYS E 78 17.25 -38.33 -22.09
N SER E 79 16.78 -37.19 -22.62
CA SER E 79 17.42 -35.88 -22.42
C SER E 79 18.88 -35.91 -22.87
N ILE E 80 19.12 -36.42 -24.08
CA ILE E 80 20.46 -36.54 -24.62
C ILE E 80 20.51 -35.93 -26.01
N ALA E 81 21.60 -35.20 -26.29
CA ALA E 81 21.81 -34.60 -27.60
C ALA E 81 22.99 -35.26 -28.29
N HIS E 82 22.97 -35.24 -29.62
CA HIS E 82 24.02 -35.85 -30.41
C HIS E 82 24.38 -34.94 -31.58
N LEU E 83 25.67 -34.85 -31.87
CA LEU E 83 26.19 -34.17 -33.05
C LEU E 83 26.88 -35.23 -33.91
N GLN E 84 26.25 -35.56 -35.05
CA GLN E 84 26.82 -36.51 -35.99
C GLN E 84 27.66 -35.76 -37.01
N MET E 85 28.89 -36.21 -37.19
CA MET E 85 29.90 -35.54 -38.01
C MET E 85 30.21 -36.43 -39.21
N ASN E 86 30.10 -35.86 -40.40
CA ASN E 86 30.33 -36.58 -41.64
C ASN E 86 31.54 -35.99 -42.36
N SER E 87 32.49 -36.84 -42.70
CA SER E 87 33.67 -36.46 -43.49
C SER E 87 34.39 -35.27 -42.86
N LEU E 88 34.93 -35.50 -41.67
CA LEU E 88 35.62 -34.45 -40.95
C LEU E 88 36.84 -33.97 -41.73
N LYS E 89 36.96 -32.66 -41.88
CA LYS E 89 38.16 -32.08 -42.43
C LYS E 89 39.23 -31.94 -41.35
N ILE E 90 40.43 -31.56 -41.76
CA ILE E 90 41.53 -31.42 -40.81
C ILE E 90 41.20 -30.35 -39.77
N GLU E 91 40.55 -29.27 -40.20
CA GLU E 91 40.23 -28.13 -39.34
C GLU E 91 39.18 -28.43 -38.28
N ASP E 92 38.69 -29.65 -38.11
CA ASP E 92 37.69 -29.95 -37.11
C ASP E 92 38.28 -30.28 -35.75
N THR E 93 39.60 -30.26 -35.60
CA THR E 93 40.24 -30.53 -34.32
C THR E 93 40.00 -29.37 -33.36
N ALA E 94 39.24 -29.62 -32.31
CA ALA E 94 38.86 -28.58 -31.36
C ALA E 94 38.19 -29.25 -30.17
N VAL E 95 37.87 -28.45 -29.16
CA VAL E 95 37.09 -28.91 -28.01
C VAL E 95 35.66 -28.41 -28.16
N TYR E 96 34.71 -29.31 -28.05
CA TYR E 96 33.31 -29.03 -28.33
C TYR E 96 32.51 -28.96 -27.04
N TYR E 97 31.65 -27.94 -26.95
CA TYR E 97 30.77 -27.73 -25.81
C TYR E 97 29.32 -27.78 -26.27
N CYS E 98 28.44 -28.23 -25.38
CA CYS E 98 27.01 -28.30 -25.64
C CYS E 98 26.30 -27.40 -24.64
N THR E 99 26.16 -26.13 -25.00
CA THR E 99 25.53 -25.16 -24.11
C THR E 99 24.01 -25.22 -24.23
N ARG E 100 23.34 -24.76 -23.19
CA ARG E 100 21.89 -24.64 -23.16
C ARG E 100 21.52 -23.18 -22.97
N ASN E 101 20.38 -22.78 -23.54
CA ASN E 101 19.90 -21.40 -23.44
C ASN E 101 19.14 -21.25 -22.12
N GLY E 102 19.90 -21.04 -21.05
CA GLY E 102 19.29 -20.90 -19.74
C GLY E 102 18.42 -19.66 -19.64
N LEU E 103 18.88 -18.56 -20.20
CA LEU E 103 18.10 -17.32 -20.23
C LEU E 103 17.53 -17.14 -21.63
N ARG E 104 16.23 -16.89 -21.72
CA ARG E 104 15.57 -16.66 -22.99
C ARG E 104 14.68 -15.45 -22.88
N TRP E 105 14.48 -14.76 -24.00
CA TRP E 105 13.53 -13.66 -24.01
C TRP E 105 12.98 -13.46 -25.42
N TYR E 106 11.67 -13.23 -25.48
CA TYR E 106 10.93 -13.13 -26.72
C TYR E 106 10.23 -11.77 -26.80
N ASP E 107 9.44 -11.59 -27.85
CA ASP E 107 8.61 -10.40 -28.04
C ASP E 107 7.53 -10.74 -29.05
N SER E 108 6.82 -9.72 -29.54
CA SER E 108 5.71 -9.94 -30.46
C SER E 108 6.15 -10.55 -31.78
N SER E 109 7.43 -10.43 -32.15
CA SER E 109 7.93 -10.95 -33.40
C SER E 109 8.47 -12.38 -33.28
N GLY E 110 8.32 -13.01 -32.13
CA GLY E 110 8.79 -14.36 -31.93
C GLY E 110 10.00 -14.41 -31.02
N PRO E 111 10.80 -15.47 -31.14
CA PRO E 111 12.03 -15.55 -30.33
C PRO E 111 12.97 -14.39 -30.62
N ARG E 112 13.62 -13.91 -29.58
CA ARG E 112 14.47 -12.74 -29.75
C ARG E 112 15.90 -12.94 -29.24
N GLY E 113 16.08 -13.64 -28.13
CA GLY E 113 17.41 -13.74 -27.56
C GLY E 113 17.59 -14.92 -26.65
N TRP E 114 18.78 -15.52 -26.70
CA TRP E 114 19.20 -16.59 -25.81
C TRP E 114 20.53 -16.22 -25.17
N ALA E 115 20.68 -16.58 -23.90
CA ALA E 115 21.94 -16.48 -23.18
C ALA E 115 22.21 -17.81 -22.50
N PHE E 116 23.42 -18.33 -22.68
CA PHE E 116 23.78 -19.66 -22.22
C PHE E 116 24.41 -19.59 -20.84
N ASP E 117 24.03 -20.53 -19.98
CA ASP E 117 24.48 -20.54 -18.59
C ASP E 117 25.31 -21.75 -18.22
N ILE E 118 24.90 -22.94 -18.62
CA ILE E 118 25.57 -24.17 -18.20
C ILE E 118 26.32 -24.73 -19.40
N TRP E 119 27.63 -24.90 -19.23
CA TRP E 119 28.49 -25.46 -20.26
C TRP E 119 29.07 -26.78 -19.77
N GLY E 120 29.11 -27.77 -20.66
CA GLY E 120 29.78 -29.01 -20.37
C GLY E 120 31.28 -28.83 -20.39
N PRO E 121 32.01 -29.80 -19.83
CA PRO E 121 33.48 -29.68 -19.83
C PRO E 121 34.08 -29.60 -21.23
N GLY E 122 33.48 -30.27 -22.20
CA GLY E 122 33.94 -30.20 -23.58
C GLY E 122 34.75 -31.41 -24.00
N THR E 123 34.43 -31.95 -25.17
CA THR E 123 35.12 -33.13 -25.70
C THR E 123 36.18 -32.69 -26.71
N LEU E 124 37.39 -33.23 -26.57
CA LEU E 124 38.44 -32.94 -27.53
C LEU E 124 38.33 -33.88 -28.72
N VAL E 125 38.33 -33.31 -29.92
CA VAL E 125 38.27 -34.08 -31.16
C VAL E 125 39.47 -33.67 -32.00
N VAL E 126 40.28 -34.65 -32.40
CA VAL E 126 41.47 -34.40 -33.19
C VAL E 126 41.44 -35.27 -34.45
N VAL E 127 41.73 -34.65 -35.58
CA VAL E 127 41.74 -35.30 -36.89
C VAL E 127 43.05 -34.90 -37.57
N SER E 128 43.87 -35.89 -37.91
CA SER E 128 45.16 -35.65 -38.55
C SER E 128 45.70 -36.97 -39.05
N SER E 129 46.94 -36.96 -39.55
CA SER E 129 47.60 -38.16 -40.02
C SER E 129 49.10 -38.05 -39.88
N GLU F 1 23.40 -10.15 -38.08
CA GLU F 1 24.33 -10.43 -36.99
C GLU F 1 25.14 -9.20 -36.62
N ILE F 2 25.71 -9.19 -35.42
CA ILE F 2 26.50 -8.07 -34.92
C ILE F 2 27.85 -8.60 -34.46
N VAL F 3 28.86 -7.73 -34.52
CA VAL F 3 30.23 -8.08 -34.14
C VAL F 3 30.67 -7.15 -33.01
N MET F 4 31.19 -7.74 -31.94
CA MET F 4 31.68 -6.99 -30.80
C MET F 4 33.21 -6.92 -30.81
N THR F 5 33.74 -5.76 -30.43
CA THR F 5 35.18 -5.52 -30.41
C THR F 5 35.62 -5.27 -28.98
N GLN F 6 36.70 -5.92 -28.56
CA GLN F 6 37.26 -5.77 -27.24
C GLN F 6 38.70 -5.30 -27.35
N SER F 7 39.01 -4.20 -26.65
CA SER F 7 40.34 -3.63 -26.67
C SER F 7 40.68 -3.13 -25.27
N PRO F 8 41.88 -3.42 -24.76
CA PRO F 8 42.96 -4.20 -25.37
C PRO F 8 42.72 -5.70 -25.27
N ALA F 9 43.43 -6.51 -26.07
CA ALA F 9 43.27 -7.95 -25.98
C ALA F 9 43.81 -8.51 -24.67
N THR F 10 44.90 -7.93 -24.16
CA THR F 10 45.50 -8.36 -22.90
C THR F 10 45.47 -7.20 -21.92
N VAL F 11 45.08 -7.48 -20.68
CA VAL F 11 44.99 -6.47 -19.62
C VAL F 11 45.98 -6.85 -18.53
N SER F 12 46.84 -5.91 -18.15
CA SER F 12 47.85 -6.11 -17.13
C SER F 12 47.51 -5.29 -15.90
N VAL F 13 47.48 -5.95 -14.74
CA VAL F 13 47.14 -5.29 -13.48
C VAL F 13 47.72 -6.13 -12.34
N SER F 14 48.19 -5.44 -11.29
CA SER F 14 48.70 -6.11 -10.12
C SER F 14 47.54 -6.63 -9.26
N PRO F 15 47.76 -7.73 -8.53
CA PRO F 15 46.70 -8.24 -7.66
C PRO F 15 46.25 -7.21 -6.63
N GLY F 16 44.96 -7.23 -6.32
CA GLY F 16 44.39 -6.26 -5.41
C GLY F 16 44.04 -4.93 -6.01
N GLU F 17 44.17 -4.77 -7.33
CA GLU F 17 43.85 -3.53 -8.02
C GLU F 17 42.80 -3.83 -9.09
N ARG F 18 41.79 -2.97 -9.19
CA ARG F 18 40.71 -3.17 -10.15
C ARG F 18 41.23 -3.05 -11.58
N ALA F 19 40.66 -3.85 -12.48
CA ALA F 19 40.96 -3.78 -13.90
C ALA F 19 39.65 -3.57 -14.67
N THR F 20 39.75 -2.87 -15.79
CA THR F 20 38.57 -2.52 -16.59
C THR F 20 38.67 -3.15 -17.97
N LEU F 21 37.65 -3.91 -18.35
CA LEU F 21 37.53 -4.47 -19.70
C LEU F 21 36.33 -3.85 -20.39
N SER F 22 36.52 -3.51 -21.67
CA SER F 22 35.52 -2.79 -22.44
C SER F 22 35.10 -3.60 -23.66
N CYS F 23 33.80 -3.60 -23.94
CA CYS F 23 33.23 -4.30 -25.08
C CYS F 23 32.35 -3.33 -25.85
N ARG F 24 32.69 -3.08 -27.11
CA ARG F 24 31.97 -2.15 -27.95
C ARG F 24 31.22 -2.90 -29.04
N THR F 25 29.93 -2.61 -29.16
CA THR F 25 29.07 -3.28 -30.14
C THR F 25 28.74 -2.32 -31.27
N SER F 26 28.84 -2.82 -32.51
CA SER F 26 28.67 -1.96 -33.68
C SER F 26 27.26 -1.38 -33.74
N GLN F 27 26.25 -2.22 -33.52
CA GLN F 27 24.86 -1.79 -33.57
C GLN F 27 24.32 -1.53 -32.17
N SER F 28 23.06 -1.16 -32.10
CA SER F 28 22.40 -0.91 -30.82
C SER F 28 21.81 -2.21 -30.29
N VAL F 29 22.19 -2.56 -29.07
CA VAL F 29 21.77 -3.80 -28.43
C VAL F 29 20.94 -3.54 -27.17
N SER F 30 20.87 -2.29 -26.72
CA SER F 30 20.18 -1.88 -25.49
C SER F 30 20.94 -2.47 -24.31
N ASN F 31 20.34 -3.30 -23.47
CA ASN F 31 20.98 -3.80 -22.26
C ASN F 31 20.96 -5.32 -22.20
N LYS F 32 21.13 -5.96 -23.35
CA LYS F 32 21.15 -7.42 -23.44
C LYS F 32 22.55 -7.85 -23.83
N LEU F 33 23.42 -8.00 -22.83
CA LEU F 33 24.77 -8.48 -23.04
C LEU F 33 25.03 -9.62 -22.08
N ALA F 34 25.98 -10.48 -22.42
CA ALA F 34 26.38 -11.55 -21.53
C ALA F 34 27.90 -11.65 -21.51
N TRP F 35 28.48 -11.55 -20.31
CA TRP F 35 29.90 -11.68 -20.09
C TRP F 35 30.19 -13.08 -19.56
N TYR F 36 31.08 -13.79 -20.24
CA TYR F 36 31.50 -15.14 -19.88
C TYR F 36 32.96 -15.12 -19.49
N GLN F 37 33.30 -15.83 -18.41
CA GLN F 37 34.67 -15.99 -17.97
C GLN F 37 35.12 -17.42 -18.18
N GLN F 38 36.30 -17.60 -18.77
CA GLN F 38 36.85 -18.92 -19.04
C GLN F 38 38.26 -18.98 -18.46
N LYS F 39 38.42 -19.78 -17.39
CA LYS F 39 39.75 -20.06 -16.90
C LYS F 39 40.41 -21.12 -17.77
N PRO F 40 41.74 -21.09 -17.90
CA PRO F 40 42.42 -22.08 -18.73
C PRO F 40 42.16 -23.49 -18.25
N GLY F 41 41.94 -24.40 -19.21
CA GLY F 41 41.72 -25.79 -18.91
C GLY F 41 40.29 -26.20 -18.62
N GLN F 42 39.32 -25.30 -18.77
CA GLN F 42 37.93 -25.66 -18.56
C GLN F 42 37.04 -24.70 -19.34
N ALA F 43 35.78 -25.09 -19.47
CA ALA F 43 34.83 -24.38 -20.33
C ALA F 43 34.48 -23.01 -19.75
N PRO F 44 34.11 -22.07 -20.60
CA PRO F 44 33.61 -20.77 -20.10
C PRO F 44 32.32 -20.96 -19.31
N ARG F 45 32.11 -20.05 -18.35
CA ARG F 45 30.91 -20.06 -17.54
C ARG F 45 30.24 -18.69 -17.60
N LEU F 46 28.92 -18.67 -17.46
CA LEU F 46 28.17 -17.43 -17.51
C LEU F 46 28.46 -16.61 -16.27
N LEU F 47 29.09 -15.46 -16.45
CA LEU F 47 29.48 -14.59 -15.34
C LEU F 47 28.47 -13.47 -15.10
N ILE F 48 28.04 -12.77 -16.16
CA ILE F 48 27.11 -11.67 -16.03
C ILE F 48 26.11 -11.74 -17.17
N TYR F 49 24.84 -11.50 -16.87
CA TYR F 49 23.81 -11.35 -17.89
C TYR F 49 23.07 -10.04 -17.67
N GLY F 50 22.58 -9.45 -18.75
CA GLY F 50 21.91 -8.17 -18.66
C GLY F 50 22.84 -6.99 -18.52
N ALA F 51 24.16 -7.20 -18.59
CA ALA F 51 25.18 -6.16 -18.60
C ALA F 51 25.33 -5.49 -17.24
N SER F 52 24.44 -5.81 -16.29
CA SER F 52 24.56 -5.30 -14.94
C SER F 52 24.26 -6.32 -13.85
N THR F 53 23.64 -7.45 -14.16
CA THR F 53 23.25 -8.43 -13.16
C THR F 53 24.28 -9.55 -13.09
N ARG F 54 24.68 -9.89 -11.88
CA ARG F 54 25.63 -10.97 -11.65
C ARG F 54 24.91 -12.31 -11.61
N ALA F 55 25.52 -13.32 -12.21
CA ALA F 55 24.96 -14.66 -12.15
C ALA F 55 25.09 -15.22 -10.74
N THR F 56 24.38 -16.33 -10.49
CA THR F 56 24.38 -16.93 -9.17
C THR F 56 25.75 -17.50 -8.83
N GLY F 57 26.12 -17.43 -7.56
CA GLY F 57 27.41 -17.91 -7.11
C GLY F 57 28.59 -17.13 -7.67
N ILE F 58 28.45 -15.81 -7.78
CA ILE F 58 29.49 -14.93 -8.31
C ILE F 58 29.80 -13.88 -7.26
N PRO F 59 31.07 -13.70 -6.89
CA PRO F 59 31.40 -12.65 -5.91
C PRO F 59 31.09 -11.26 -6.47
N ALA F 60 30.82 -10.34 -5.54
CA ALA F 60 30.38 -9.01 -5.92
C ALA F 60 31.46 -8.17 -6.58
N ARG F 61 32.71 -8.61 -6.57
CA ARG F 61 33.78 -7.82 -7.19
C ARG F 61 33.64 -7.74 -8.70
N PHE F 62 32.91 -8.66 -9.32
CA PHE F 62 32.64 -8.61 -10.75
C PHE F 62 31.47 -7.67 -10.99
N SER F 63 31.75 -6.42 -11.35
CA SER F 63 30.70 -5.42 -11.57
C SER F 63 30.53 -5.19 -13.07
N GLY F 64 29.29 -5.14 -13.52
CA GLY F 64 28.97 -4.90 -14.92
C GLY F 64 28.26 -3.56 -15.07
N SER F 65 28.55 -2.87 -16.17
CA SER F 65 27.92 -1.58 -16.44
C SER F 65 27.90 -1.35 -17.94
N GLY F 66 27.14 -0.35 -18.35
CA GLY F 66 27.05 0.03 -19.75
C GLY F 66 25.70 -0.33 -20.35
N SER F 67 25.50 0.17 -21.57
CA SER F 67 24.22 0.01 -22.24
C SER F 67 24.34 0.54 -23.66
N GLY F 68 23.51 0.01 -24.55
CA GLY F 68 23.51 0.46 -25.93
C GLY F 68 24.58 -0.20 -26.75
N THR F 69 25.66 0.53 -27.02
CA THR F 69 26.76 0.03 -27.83
C THR F 69 28.06 -0.18 -27.05
N GLN F 70 28.13 0.32 -25.81
CA GLN F 70 29.36 0.22 -25.02
C GLN F 70 29.03 -0.41 -23.67
N PHE F 71 29.88 -1.35 -23.24
CA PHE F 71 29.71 -2.02 -21.97
C PHE F 71 31.08 -2.21 -21.34
N THR F 72 31.09 -2.41 -20.02
CA THR F 72 32.33 -2.51 -19.27
C THR F 72 32.16 -3.49 -18.12
N LEU F 73 33.18 -4.32 -17.89
CA LEU F 73 33.24 -5.25 -16.78
C LEU F 73 34.42 -4.86 -15.90
N THR F 74 34.13 -4.35 -14.71
CA THR F 74 35.16 -3.92 -13.76
C THR F 74 35.39 -5.04 -12.75
N ILE F 75 36.64 -5.45 -12.60
CA ILE F 75 37.00 -6.41 -11.56
C ILE F 75 37.75 -5.67 -10.46
N SER F 76 37.12 -5.57 -9.29
CA SER F 76 37.65 -4.78 -8.18
C SER F 76 38.37 -5.69 -7.19
N SER F 77 39.52 -5.25 -6.73
CA SER F 77 40.35 -6.00 -5.79
C SER F 77 40.61 -7.41 -6.31
N LEU F 78 41.24 -7.46 -7.47
CA LEU F 78 41.50 -8.71 -8.18
C LEU F 78 42.33 -9.67 -7.33
N GLN F 79 41.84 -10.91 -7.20
CA GLN F 79 42.52 -11.93 -6.43
C GLN F 79 43.41 -12.77 -7.36
N SER F 80 43.93 -13.88 -6.85
CA SER F 80 44.76 -14.78 -7.64
C SER F 80 43.95 -15.80 -8.43
N GLU F 81 42.64 -15.86 -8.23
CA GLU F 81 41.78 -16.78 -8.94
C GLU F 81 40.97 -16.12 -10.05
N ASP F 82 41.17 -14.82 -10.29
CA ASP F 82 40.41 -14.08 -11.28
C ASP F 82 41.22 -13.80 -12.55
N PHE F 83 42.05 -14.76 -12.96
CA PHE F 83 42.79 -14.66 -14.21
C PHE F 83 42.20 -15.64 -15.21
N ALA F 84 41.64 -15.11 -16.28
CA ALA F 84 40.88 -15.90 -17.25
C ALA F 84 40.70 -15.04 -18.50
N VAL F 85 39.86 -15.51 -19.42
CA VAL F 85 39.52 -14.75 -20.63
C VAL F 85 38.02 -14.47 -20.63
N TYR F 86 37.65 -13.26 -21.02
CA TYR F 86 36.27 -12.80 -20.95
C TYR F 86 35.72 -12.55 -22.34
N TYR F 87 34.51 -13.05 -22.58
CA TYR F 87 33.83 -12.89 -23.86
C TYR F 87 32.50 -12.18 -23.64
N CYS F 88 32.17 -11.25 -24.53
CA CYS F 88 30.88 -10.55 -24.48
C CYS F 88 30.05 -10.95 -25.70
N GLN F 89 28.85 -11.48 -25.44
CA GLN F 89 27.93 -11.82 -26.51
C GLN F 89 26.65 -11.00 -26.39
N GLN F 90 26.19 -10.51 -27.54
CA GLN F 90 24.94 -9.77 -27.62
C GLN F 90 23.81 -10.73 -27.96
N TYR F 91 22.71 -10.63 -27.22
CA TYR F 91 21.56 -11.50 -27.45
C TYR F 91 20.26 -10.71 -27.60
N ASN F 92 20.35 -9.42 -27.94
CA ASN F 92 19.14 -8.64 -28.16
C ASN F 92 18.43 -9.09 -29.44
N ASN F 93 19.12 -9.02 -30.57
CA ASN F 93 18.55 -9.38 -31.86
C ASN F 93 19.16 -10.67 -32.38
N TRP F 94 18.37 -11.39 -33.15
CA TRP F 94 18.83 -12.66 -33.72
C TRP F 94 20.01 -12.42 -34.67
N PRO F 95 21.02 -13.29 -34.66
CA PRO F 95 21.22 -14.45 -33.80
C PRO F 95 22.04 -14.11 -32.55
N PRO F 96 21.88 -14.87 -31.46
CA PRO F 96 22.63 -14.57 -30.23
C PRO F 96 24.01 -15.23 -30.19
N TRP F 97 24.19 -16.30 -30.96
CA TRP F 97 25.39 -17.13 -30.86
C TRP F 97 26.58 -16.45 -31.56
N THR F 98 27.09 -15.41 -30.90
CA THR F 98 28.25 -14.69 -31.41
C THR F 98 29.02 -14.13 -30.23
N PHE F 99 30.22 -14.66 -29.99
CA PHE F 99 31.08 -14.22 -28.91
C PHE F 99 32.11 -13.21 -29.40
N GLY F 100 32.72 -12.51 -28.45
CA GLY F 100 33.71 -11.51 -28.77
C GLY F 100 35.07 -12.12 -29.05
N ARG F 101 36.06 -11.23 -29.21
CA ARG F 101 37.42 -11.64 -29.51
C ARG F 101 38.16 -12.22 -28.30
N GLY F 102 37.63 -12.03 -27.10
CA GLY F 102 38.28 -12.53 -25.90
C GLY F 102 39.34 -11.58 -25.37
N THR F 103 39.29 -11.31 -24.07
CA THR F 103 40.25 -10.42 -23.42
C THR F 103 40.89 -11.16 -22.25
N LYS F 104 42.21 -11.09 -22.16
CA LYS F 104 42.98 -11.80 -21.15
C LYS F 104 43.45 -10.83 -20.07
N VAL F 105 43.38 -11.30 -18.82
CA VAL F 105 43.87 -10.54 -17.67
C VAL F 105 45.08 -11.27 -17.11
N GLU F 106 46.19 -10.55 -16.99
CA GLU F 106 47.45 -11.12 -16.54
C GLU F 106 47.93 -10.41 -15.27
N ILE F 107 49.06 -10.87 -14.75
CA ILE F 107 49.63 -10.35 -13.51
C ILE F 107 50.77 -9.40 -13.86
N LYS F 108 50.72 -8.20 -13.31
CA LYS F 108 51.76 -7.21 -13.55
C LYS F 108 52.97 -7.46 -12.65
C1 NAG G . -31.96 26.85 0.85
C2 NAG G . -32.98 26.92 -0.30
C3 NAG G . -33.37 25.51 -0.73
C4 NAG G . -32.13 24.65 -0.99
C5 NAG G . -31.22 24.70 0.22
C6 NAG G . -29.95 23.90 0.09
C7 NAG G . -34.98 28.29 -0.77
C8 NAG G . -36.14 28.99 -0.13
N2 NAG G . -34.15 27.65 0.09
O3 NAG G . -34.17 25.61 -1.88
O4 NAG G . -32.59 23.33 -1.24
O5 NAG G . -30.88 26.05 0.47
O6 NAG G . -30.07 22.70 0.80
O7 NAG G . -34.80 28.29 -1.98
C1 FUC G . -30.10 23.00 2.21
C2 FUC G . -30.93 21.92 2.91
C3 FUC G . -30.24 20.57 2.72
C4 FUC G . -28.82 20.64 3.29
C5 FUC G . -28.08 21.80 2.61
C6 FUC G . -26.70 22.03 3.19
O2 FUC G . -32.22 21.95 2.38
O3 FUC G . -31.05 19.59 3.35
O4 FUC G . -28.91 20.79 4.68
O5 FUC G . -28.81 23.00 2.75
#